data_1TYK
#
_entry.id   1TYK
#
_entity_poly.entity_id   1
_entity_poly.type   'polypeptide(L)'
_entity_poly.pdbx_seq_one_letter_code
;GCLEFWWKCNPNDDKCCRPKLKCSKLFKLCNFSF
;
_entity_poly.pdbx_strand_id   A
#
# COMPACT_ATOMS: atom_id res chain seq x y z
N GLY A 1 10.85 4.31 0.13
CA GLY A 1 9.97 5.35 -0.49
C GLY A 1 9.24 6.19 0.53
N CYS A 2 7.93 5.97 0.65
CA CYS A 2 7.12 6.71 1.59
C CYS A 2 6.65 5.80 2.73
N LEU A 3 6.17 4.61 2.38
CA LEU A 3 5.70 3.66 3.38
C LEU A 3 5.82 2.23 2.85
N GLU A 4 6.34 1.36 3.70
CA GLU A 4 6.54 -0.02 3.32
C GLU A 4 5.23 -0.82 3.40
N PHE A 5 5.34 -2.11 3.08
CA PHE A 5 4.19 -3.01 3.09
C PHE A 5 3.42 -2.92 4.41
N TRP A 6 2.19 -3.42 4.41
CA TRP A 6 1.33 -3.43 5.59
C TRP A 6 0.87 -2.02 5.96
N TRP A 7 1.81 -1.12 6.21
CA TRP A 7 1.48 0.27 6.58
C TRP A 7 0.29 0.78 5.77
N LYS A 8 -0.86 0.84 6.42
CA LYS A 8 -2.10 1.30 5.78
C LYS A 8 -1.87 2.51 4.89
N CYS A 9 -2.77 2.69 3.91
CA CYS A 9 -2.67 3.81 2.98
C CYS A 9 -4.02 4.46 2.77
N ASN A 10 -4.06 5.46 1.89
CA ASN A 10 -5.30 6.17 1.59
C ASN A 10 -5.45 6.40 0.09
N PRO A 11 -6.70 6.40 -0.41
CA PRO A 11 -6.97 6.59 -1.84
C PRO A 11 -6.79 8.05 -2.27
N ASN A 12 -6.51 8.93 -1.33
CA ASN A 12 -6.31 10.34 -1.62
C ASN A 12 -4.84 10.69 -1.73
N ASP A 13 -4.04 10.19 -0.79
CA ASP A 13 -2.60 10.45 -0.79
C ASP A 13 -1.81 9.19 -1.13
N ASP A 14 -2.33 8.04 -0.73
CA ASP A 14 -1.67 6.77 -1.00
C ASP A 14 -0.33 6.69 -0.28
N LYS A 15 -0.04 5.53 0.31
CA LYS A 15 1.21 5.33 1.03
C LYS A 15 2.05 4.22 0.40
N CYS A 16 1.47 3.50 -0.54
CA CYS A 16 2.20 2.42 -1.21
C CYS A 16 3.16 2.98 -2.25
N CYS A 17 4.45 2.96 -1.93
CA CYS A 17 5.48 3.49 -2.82
C CYS A 17 6.23 2.35 -3.51
N ARG A 18 6.23 1.18 -2.89
CA ARG A 18 6.92 0.02 -3.45
C ARG A 18 6.36 -0.34 -4.81
N PRO A 19 7.22 -0.73 -5.77
CA PRO A 19 6.80 -1.11 -7.12
C PRO A 19 5.71 -2.16 -7.12
N LYS A 20 5.63 -2.91 -6.05
CA LYS A 20 4.64 -3.96 -5.96
C LYS A 20 3.56 -3.64 -4.93
N LEU A 21 3.81 -2.66 -4.06
CA LEU A 21 2.83 -2.28 -3.05
C LEU A 21 1.69 -1.48 -3.66
N LYS A 22 0.51 -1.58 -3.05
CA LYS A 22 -0.67 -0.86 -3.53
C LYS A 22 -1.85 -1.08 -2.58
N CYS A 23 -2.58 0.00 -2.30
CA CYS A 23 -3.74 -0.07 -1.41
C CYS A 23 -4.73 -1.13 -1.88
N SER A 24 -4.56 -2.34 -1.38
CA SER A 24 -5.43 -3.46 -1.75
C SER A 24 -6.67 -3.48 -0.87
N LYS A 25 -7.74 -4.08 -1.39
CA LYS A 25 -9.00 -4.17 -0.65
C LYS A 25 -8.99 -5.32 0.34
N LEU A 26 -7.86 -6.05 0.42
CA LEU A 26 -7.74 -7.17 1.33
C LEU A 26 -8.07 -6.74 2.76
N PHE A 27 -7.45 -5.65 3.20
CA PHE A 27 -7.69 -5.13 4.55
C PHE A 27 -7.41 -3.63 4.63
N LYS A 28 -7.37 -2.96 3.47
CA LYS A 28 -7.12 -1.52 3.41
C LYS A 28 -5.68 -1.19 3.77
N LEU A 29 -4.73 -2.01 3.31
CA LEU A 29 -3.32 -1.78 3.58
C LEU A 29 -2.47 -2.09 2.35
N CYS A 30 -1.23 -1.60 2.35
CA CYS A 30 -0.33 -1.82 1.22
C CYS A 30 0.00 -3.31 1.08
N ASN A 31 -0.76 -4.00 0.24
CA ASN A 31 -0.56 -5.42 0.02
C ASN A 31 0.52 -5.65 -1.04
N PHE A 32 1.11 -6.84 -1.02
CA PHE A 32 2.16 -7.19 -1.98
C PHE A 32 1.56 -7.42 -3.37
N SER A 33 2.37 -7.99 -4.26
CA SER A 33 1.92 -8.26 -5.62
C SER A 33 1.78 -9.76 -5.85
N PHE A 34 2.68 -10.53 -5.26
CA PHE A 34 2.65 -11.99 -5.40
C PHE A 34 1.36 -12.56 -4.85
N GLY A 1 11.72 5.64 -0.61
CA GLY A 1 10.46 5.03 -0.11
C GLY A 1 9.86 5.78 1.05
N CYS A 2 8.54 5.82 1.12
CA CYS A 2 7.84 6.53 2.19
C CYS A 2 7.15 5.54 3.13
N LEU A 3 6.39 4.62 2.55
CA LEU A 3 5.68 3.61 3.34
C LEU A 3 5.73 2.25 2.68
N GLU A 4 6.18 1.27 3.44
CA GLU A 4 6.29 -0.08 2.91
C GLU A 4 4.97 -0.84 3.03
N PHE A 5 4.96 -2.07 2.53
CA PHE A 5 3.76 -2.91 2.57
C PHE A 5 3.13 -2.92 3.96
N TRP A 6 1.95 -3.54 4.06
CA TRP A 6 1.24 -3.64 5.33
C TRP A 6 0.75 -2.29 5.80
N TRP A 7 1.67 -1.36 6.06
CA TRP A 7 1.32 -0.02 6.54
C TRP A 7 0.06 0.50 5.85
N LYS A 8 -1.03 0.61 6.62
CA LYS A 8 -2.30 1.10 6.09
C LYS A 8 -2.13 2.31 5.19
N CYS A 9 -2.92 2.36 4.12
CA CYS A 9 -2.85 3.46 3.17
C CYS A 9 -4.25 3.88 2.73
N ASN A 10 -4.31 4.86 1.83
CA ASN A 10 -5.58 5.36 1.33
C ASN A 10 -5.50 5.67 -0.16
N PRO A 11 -6.63 5.62 -0.87
CA PRO A 11 -6.69 5.90 -2.31
C PRO A 11 -6.32 7.34 -2.64
N ASN A 12 -6.54 8.23 -1.67
CA ASN A 12 -6.24 9.65 -1.86
C ASN A 12 -4.80 9.95 -1.47
N ASP A 13 -4.44 9.61 -0.24
CA ASP A 13 -3.09 9.85 0.27
C ASP A 13 -2.10 8.88 -0.37
N ASP A 14 -2.43 7.59 -0.33
CA ASP A 14 -1.57 6.56 -0.91
C ASP A 14 -0.23 6.52 -0.19
N LYS A 15 0.07 5.37 0.43
CA LYS A 15 1.32 5.19 1.15
C LYS A 15 2.24 4.24 0.41
N CYS A 16 1.66 3.32 -0.35
CA CYS A 16 2.43 2.35 -1.12
C CYS A 16 3.37 3.06 -2.10
N CYS A 17 4.59 3.31 -1.66
CA CYS A 17 5.57 3.99 -2.50
C CYS A 17 6.49 3.00 -3.20
N ARG A 18 5.98 1.78 -3.43
CA ARG A 18 6.75 0.75 -4.11
C ARG A 18 6.03 0.28 -5.37
N PRO A 19 6.78 -0.01 -6.44
CA PRO A 19 6.20 -0.48 -7.71
C PRO A 19 5.65 -1.88 -7.62
N LYS A 20 5.89 -2.53 -6.49
CA LYS A 20 5.42 -3.88 -6.31
C LYS A 20 4.31 -3.96 -5.26
N LEU A 21 4.09 -2.87 -4.52
CA LEU A 21 3.04 -2.84 -3.50
C LEU A 21 1.67 -2.68 -4.14
N LYS A 22 0.64 -2.57 -3.31
CA LYS A 22 -0.72 -2.41 -3.81
C LYS A 22 -1.69 -2.11 -2.66
N CYS A 23 -2.20 -0.88 -2.62
CA CYS A 23 -3.13 -0.48 -1.58
C CYS A 23 -4.49 -1.16 -1.78
N SER A 24 -4.50 -2.48 -1.63
CA SER A 24 -5.72 -3.25 -1.79
C SER A 24 -6.81 -2.78 -0.83
N LYS A 25 -8.06 -3.02 -1.20
CA LYS A 25 -9.19 -2.62 -0.37
C LYS A 25 -9.61 -3.74 0.58
N LEU A 26 -8.80 -4.79 0.65
CA LEU A 26 -9.10 -5.92 1.53
C LEU A 26 -9.22 -5.46 2.98
N PHE A 27 -8.21 -4.73 3.44
CA PHE A 27 -8.21 -4.22 4.81
C PHE A 27 -7.56 -2.83 4.90
N LYS A 28 -7.38 -2.19 3.75
CA LYS A 28 -6.79 -0.85 3.69
C LYS A 28 -5.31 -0.88 4.07
N LEU A 29 -4.56 -1.75 3.41
CA LEU A 29 -3.12 -1.88 3.67
C LEU A 29 -2.35 -2.20 2.40
N CYS A 30 -1.11 -1.72 2.33
CA CYS A 30 -0.27 -1.96 1.14
C CYS A 30 0.05 -3.44 0.98
N ASN A 31 -0.77 -4.13 0.19
CA ASN A 31 -0.57 -5.55 -0.06
C ASN A 31 0.52 -5.76 -1.10
N PHE A 32 1.54 -6.55 -0.73
CA PHE A 32 2.64 -6.83 -1.64
C PHE A 32 2.14 -7.40 -2.97
N SER A 33 3.07 -7.67 -3.88
CA SER A 33 2.72 -8.22 -5.18
C SER A 33 2.45 -9.72 -5.09
N PHE A 34 3.23 -10.41 -4.28
CA PHE A 34 3.07 -11.85 -4.09
C PHE A 34 2.72 -12.18 -2.65
N GLY A 1 11.44 4.74 1.11
CA GLY A 1 10.15 5.11 0.45
C GLY A 1 9.22 5.85 1.38
N CYS A 2 7.92 5.60 1.23
CA CYS A 2 6.91 6.25 2.07
C CYS A 2 6.28 5.24 3.01
N LEU A 3 5.80 4.13 2.45
CA LEU A 3 5.18 3.07 3.25
C LEU A 3 5.46 1.71 2.66
N GLU A 4 5.57 0.72 3.53
CA GLU A 4 5.83 -0.63 3.11
C GLU A 4 4.62 -1.52 3.29
N PHE A 5 4.81 -2.83 3.12
CA PHE A 5 3.73 -3.79 3.27
C PHE A 5 3.01 -3.62 4.60
N TRP A 6 1.71 -3.86 4.60
CA TRP A 6 0.88 -3.73 5.80
C TRP A 6 0.64 -2.27 6.17
N TRP A 7 1.71 -1.53 6.42
CA TRP A 7 1.61 -0.12 6.79
C TRP A 7 0.49 0.58 6.03
N LYS A 8 -0.66 0.73 6.68
CA LYS A 8 -1.83 1.37 6.09
C LYS A 8 -1.46 2.65 5.34
N CYS A 9 -2.21 2.96 4.28
CA CYS A 9 -1.96 4.14 3.48
C CYS A 9 -3.28 4.76 3.01
N ASN A 10 -3.18 5.82 2.22
CA ASN A 10 -4.36 6.50 1.71
C ASN A 10 -5.12 5.59 0.74
N PRO A 11 -6.34 5.15 1.11
CA PRO A 11 -7.15 4.27 0.27
C PRO A 11 -7.28 4.79 -1.16
N ASN A 12 -7.19 6.11 -1.32
CA ASN A 12 -7.30 6.72 -2.64
C ASN A 12 -5.98 7.36 -3.06
N ASP A 13 -5.54 8.36 -2.30
CA ASP A 13 -4.29 9.05 -2.59
C ASP A 13 -3.11 8.08 -2.59
N ASP A 14 -3.24 7.00 -1.82
CA ASP A 14 -2.17 6.01 -1.73
C ASP A 14 -0.90 6.62 -1.15
N LYS A 15 -0.14 5.80 -0.42
CA LYS A 15 1.10 6.28 0.20
C LYS A 15 2.19 5.22 0.11
N CYS A 16 2.16 4.43 -0.96
CA CYS A 16 3.15 3.38 -1.17
C CYS A 16 4.20 3.84 -2.19
N CYS A 17 5.45 3.48 -1.94
CA CYS A 17 6.53 3.88 -2.84
C CYS A 17 7.26 2.68 -3.44
N ARG A 18 6.49 1.64 -3.80
CA ARG A 18 7.09 0.45 -4.39
C ARG A 18 6.22 -0.07 -5.54
N PRO A 19 6.86 -0.58 -6.61
CA PRO A 19 6.14 -1.11 -7.77
C PRO A 19 5.48 -2.43 -7.50
N LYS A 20 5.68 -2.95 -6.31
CA LYS A 20 5.10 -4.23 -5.95
C LYS A 20 4.00 -4.09 -4.90
N LEU A 21 3.94 -2.93 -4.23
CA LEU A 21 2.92 -2.70 -3.21
C LEU A 21 1.77 -1.87 -3.77
N LYS A 22 0.69 -1.79 -3.02
CA LYS A 22 -0.48 -1.03 -3.44
C LYS A 22 -1.53 -0.98 -2.32
N CYS A 23 -2.06 0.21 -2.07
CA CYS A 23 -3.06 0.40 -1.03
C CYS A 23 -4.33 -0.39 -1.37
N SER A 24 -4.32 -1.68 -1.08
CA SER A 24 -5.46 -2.54 -1.35
C SER A 24 -6.67 -2.11 -0.54
N LYS A 25 -7.86 -2.33 -1.11
CA LYS A 25 -9.10 -1.96 -0.43
C LYS A 25 -9.64 -3.10 0.43
N LEU A 26 -8.82 -4.14 0.61
CA LEU A 26 -9.22 -5.29 1.42
C LEU A 26 -9.35 -4.90 2.89
N PHE A 27 -8.32 -4.24 3.42
CA PHE A 27 -8.34 -3.81 4.82
C PHE A 27 -7.65 -2.45 4.99
N LYS A 28 -7.46 -1.74 3.88
CA LYS A 28 -6.83 -0.42 3.91
C LYS A 28 -5.34 -0.52 4.22
N LEU A 29 -4.65 -1.44 3.54
CA LEU A 29 -3.22 -1.62 3.75
C LEU A 29 -2.51 -1.95 2.44
N CYS A 30 -1.19 -1.78 2.43
CA CYS A 30 -0.40 -2.05 1.22
C CYS A 30 0.04 -3.51 1.19
N ASN A 31 -0.52 -4.27 0.25
CA ASN A 31 -0.18 -5.68 0.11
C ASN A 31 0.75 -5.90 -1.09
N PHE A 32 1.72 -6.79 -0.92
CA PHE A 32 2.67 -7.08 -1.99
C PHE A 32 1.95 -7.61 -3.23
N SER A 33 2.63 -7.56 -4.37
CA SER A 33 2.04 -8.04 -5.62
C SER A 33 2.72 -9.32 -6.09
N PHE A 34 4.05 -9.30 -6.12
CA PHE A 34 4.82 -10.47 -6.54
C PHE A 34 4.89 -11.51 -5.43
N GLY A 1 9.47 2.53 -0.64
CA GLY A 1 9.37 4.01 -0.72
C GLY A 1 8.92 4.65 0.56
N CYS A 2 8.07 5.67 0.46
CA CYS A 2 7.56 6.36 1.64
C CYS A 2 7.02 5.38 2.68
N LEU A 3 6.17 4.46 2.25
CA LEU A 3 5.59 3.47 3.16
C LEU A 3 5.73 2.07 2.60
N GLU A 4 6.20 1.16 3.45
CA GLU A 4 6.40 -0.21 3.05
C GLU A 4 5.12 -1.03 3.18
N PHE A 5 5.25 -2.33 2.92
CA PHE A 5 4.12 -3.25 3.01
C PHE A 5 3.46 -3.21 4.40
N TRP A 6 2.23 -3.69 4.46
CA TRP A 6 1.47 -3.73 5.72
C TRP A 6 0.96 -2.35 6.11
N TRP A 7 1.86 -1.38 6.21
CA TRP A 7 1.48 -0.02 6.59
C TRP A 7 0.22 0.44 5.87
N LYS A 8 -0.80 0.82 6.63
CA LYS A 8 -2.07 1.27 6.07
C LYS A 8 -1.87 2.23 4.90
N CYS A 9 -2.90 2.37 4.08
CA CYS A 9 -2.84 3.26 2.91
C CYS A 9 -4.21 3.85 2.62
N ASN A 10 -4.22 5.00 1.95
CA ASN A 10 -5.47 5.67 1.60
C ASN A 10 -5.63 5.75 0.08
N PRO A 11 -6.88 5.72 -0.41
CA PRO A 11 -7.18 5.79 -1.85
C PRO A 11 -6.83 7.15 -2.44
N ASN A 12 -6.88 8.19 -1.60
CA ASN A 12 -6.59 9.54 -2.06
C ASN A 12 -5.22 10.00 -1.53
N ASP A 13 -5.04 9.91 -0.21
CA ASP A 13 -3.79 10.31 0.42
C ASP A 13 -2.63 9.46 -0.09
N ASP A 14 -2.93 8.22 -0.48
CA ASP A 14 -1.91 7.31 -0.98
C ASP A 14 -0.86 7.02 0.10
N LYS A 15 -0.21 5.87 -0.02
CA LYS A 15 0.81 5.48 0.95
C LYS A 15 1.75 4.43 0.36
N CYS A 16 1.18 3.47 -0.36
CA CYS A 16 1.98 2.40 -0.97
C CYS A 16 2.98 2.98 -1.96
N CYS A 17 4.23 3.07 -1.53
CA CYS A 17 5.29 3.61 -2.38
C CYS A 17 6.31 2.51 -2.75
N ARG A 18 5.87 1.55 -3.54
CA ARG A 18 6.73 0.45 -3.95
C ARG A 18 6.22 -0.19 -5.23
N PRO A 19 7.14 -0.64 -6.10
CA PRO A 19 6.79 -1.28 -7.39
C PRO A 19 5.83 -2.44 -7.22
N LYS A 20 5.82 -3.02 -6.03
CA LYS A 20 4.96 -4.15 -5.78
C LYS A 20 3.82 -3.81 -4.81
N LEU A 21 3.93 -2.66 -4.14
CA LEU A 21 2.89 -2.25 -3.20
C LEU A 21 1.79 -1.46 -3.91
N LYS A 22 0.56 -1.65 -3.45
CA LYS A 22 -0.59 -0.96 -4.05
C LYS A 22 -1.70 -0.79 -3.02
N CYS A 23 -2.29 0.39 -3.00
CA CYS A 23 -3.38 0.69 -2.07
C CYS A 23 -4.57 -0.24 -2.31
N SER A 24 -4.52 -1.42 -1.68
CA SER A 24 -5.59 -2.40 -1.82
C SER A 24 -6.69 -2.15 -0.79
N LYS A 25 -7.93 -2.38 -1.21
CA LYS A 25 -9.08 -2.19 -0.32
C LYS A 25 -9.39 -3.46 0.47
N LEU A 26 -8.49 -4.44 0.41
CA LEU A 26 -8.68 -5.69 1.13
C LEU A 26 -8.86 -5.43 2.62
N PHE A 27 -7.96 -4.65 3.19
CA PHE A 27 -8.03 -4.32 4.61
C PHE A 27 -7.42 -2.94 4.89
N LYS A 28 -7.30 -2.13 3.84
CA LYS A 28 -6.75 -0.77 3.96
C LYS A 28 -5.26 -0.81 4.29
N LEU A 29 -4.53 -1.69 3.61
CA LEU A 29 -3.09 -1.81 3.83
C LEU A 29 -2.36 -2.06 2.52
N CYS A 30 -1.04 -1.91 2.55
CA CYS A 30 -0.21 -2.13 1.37
C CYS A 30 0.19 -3.60 1.25
N ASN A 31 -0.28 -4.25 0.20
CA ASN A 31 0.03 -5.66 -0.04
C ASN A 31 1.21 -5.81 -0.99
N PHE A 32 1.89 -6.95 -0.93
CA PHE A 32 3.03 -7.22 -1.79
C PHE A 32 2.57 -7.68 -3.17
N SER A 33 3.52 -8.16 -3.97
CA SER A 33 3.21 -8.64 -5.32
C SER A 33 3.27 -10.16 -5.38
N PHE A 34 4.36 -10.72 -4.88
CA PHE A 34 4.54 -12.18 -4.88
C PHE A 34 4.29 -12.75 -3.49
N GLY A 1 11.44 4.79 -1.87
CA GLY A 1 10.21 4.34 -1.16
C GLY A 1 9.90 5.19 0.06
N CYS A 2 8.62 5.37 0.35
CA CYS A 2 8.19 6.16 1.49
C CYS A 2 7.57 5.27 2.58
N LEU A 3 6.64 4.41 2.19
CA LEU A 3 5.99 3.51 3.13
C LEU A 3 6.05 2.07 2.65
N GLU A 4 6.39 1.19 3.57
CA GLU A 4 6.52 -0.22 3.25
C GLU A 4 5.15 -0.90 3.24
N PHE A 5 5.13 -2.18 2.90
CA PHE A 5 3.90 -2.96 2.84
C PHE A 5 3.16 -2.93 4.18
N TRP A 6 1.92 -3.39 4.16
CA TRP A 6 1.08 -3.43 5.35
C TRP A 6 0.66 -2.03 5.81
N TRP A 7 1.65 -1.14 6.01
CA TRP A 7 1.36 0.22 6.47
C TRP A 7 0.12 0.78 5.78
N LYS A 8 -1.00 0.71 6.49
CA LYS A 8 -2.29 1.19 5.99
C LYS A 8 -2.16 2.50 5.20
N CYS A 9 -3.08 2.70 4.27
CA CYS A 9 -3.09 3.89 3.43
C CYS A 9 -4.50 4.21 2.95
N ASN A 10 -4.62 5.21 2.09
CA ASN A 10 -5.91 5.61 1.55
C ASN A 10 -5.80 5.97 0.07
N PRO A 11 -6.94 6.23 -0.60
CA PRO A 11 -6.97 6.58 -2.02
C PRO A 11 -6.03 7.74 -2.34
N ASN A 12 -6.32 8.91 -1.77
CA ASN A 12 -5.50 10.10 -1.99
C ASN A 12 -4.30 10.11 -1.04
N ASP A 13 -4.47 9.47 0.11
CA ASP A 13 -3.41 9.41 1.11
C ASP A 13 -2.50 8.19 0.88
N ASP A 14 -2.66 7.54 -0.28
CA ASP A 14 -1.87 6.36 -0.62
C ASP A 14 -0.45 6.43 -0.07
N LYS A 15 0.01 5.33 0.51
CA LYS A 15 1.35 5.26 1.08
C LYS A 15 2.23 4.27 0.32
N CYS A 16 1.59 3.36 -0.41
CA CYS A 16 2.32 2.36 -1.18
C CYS A 16 3.15 3.03 -2.28
N CYS A 17 4.45 3.17 -2.03
CA CYS A 17 5.35 3.79 -3.00
C CYS A 17 6.15 2.75 -3.76
N ARG A 18 6.26 1.55 -3.21
CA ARG A 18 7.00 0.47 -3.86
C ARG A 18 6.23 -0.09 -5.06
N PRO A 19 6.96 -0.62 -6.06
CA PRO A 19 6.34 -1.19 -7.26
C PRO A 19 5.57 -2.46 -6.98
N LYS A 20 5.69 -2.98 -5.78
CA LYS A 20 5.01 -4.19 -5.42
C LYS A 20 3.90 -3.93 -4.39
N LEU A 21 3.88 -2.74 -3.80
CA LEU A 21 2.87 -2.39 -2.81
C LEU A 21 1.65 -1.77 -3.48
N LYS A 22 0.53 -1.77 -2.77
CA LYS A 22 -0.71 -1.21 -3.28
C LYS A 22 -1.83 -1.28 -2.24
N CYS A 23 -2.51 -0.16 -2.02
CA CYS A 23 -3.59 -0.11 -1.05
C CYS A 23 -4.75 -0.99 -1.49
N SER A 24 -4.62 -2.30 -1.25
CA SER A 24 -5.65 -3.25 -1.63
C SER A 24 -6.94 -2.98 -0.87
N LYS A 25 -8.02 -3.67 -1.27
CA LYS A 25 -9.32 -3.51 -0.63
C LYS A 25 -9.54 -4.56 0.45
N LEU A 26 -8.73 -5.62 0.43
CA LEU A 26 -8.85 -6.70 1.42
C LEU A 26 -8.89 -6.13 2.84
N PHE A 27 -8.03 -5.17 3.11
CA PHE A 27 -7.98 -4.55 4.44
C PHE A 27 -7.67 -3.05 4.36
N LYS A 28 -7.71 -2.51 3.14
CA LYS A 28 -7.44 -1.08 2.94
C LYS A 28 -6.02 -0.71 3.37
N LEU A 29 -5.05 -1.55 3.02
CA LEU A 29 -3.65 -1.29 3.36
C LEU A 29 -2.73 -1.70 2.22
N CYS A 30 -1.45 -1.39 2.36
CA CYS A 30 -0.46 -1.74 1.33
C CYS A 30 -0.23 -3.24 1.30
N ASN A 31 -0.34 -3.83 0.11
CA ASN A 31 -0.14 -5.27 -0.05
C ASN A 31 0.94 -5.54 -1.10
N PHE A 32 1.78 -6.55 -0.83
CA PHE A 32 2.84 -6.91 -1.75
C PHE A 32 2.27 -7.34 -3.10
N SER A 33 3.15 -7.78 -3.99
CA SER A 33 2.72 -8.21 -5.32
C SER A 33 2.87 -9.73 -5.47
N PHE A 34 4.05 -10.24 -5.11
CA PHE A 34 4.31 -11.67 -5.21
C PHE A 34 4.02 -12.37 -3.89
N GLY A 1 9.99 7.14 -1.50
CA GLY A 1 9.91 6.37 -0.23
C GLY A 1 9.11 7.09 0.84
N CYS A 2 7.83 6.75 0.94
CA CYS A 2 6.94 7.37 1.92
C CYS A 2 6.56 6.39 3.02
N LEU A 3 6.17 5.18 2.62
CA LEU A 3 5.78 4.14 3.58
C LEU A 3 6.09 2.76 3.04
N GLU A 4 6.40 1.85 3.95
CA GLU A 4 6.73 0.50 3.57
C GLU A 4 5.46 -0.35 3.40
N PHE A 5 5.62 -1.48 2.73
CA PHE A 5 4.49 -2.39 2.50
C PHE A 5 3.81 -2.76 3.82
N TRP A 6 2.71 -3.51 3.72
CA TRP A 6 1.97 -3.94 4.90
C TRP A 6 1.22 -2.78 5.54
N TRP A 7 1.96 -1.74 5.94
CA TRP A 7 1.36 -0.56 6.57
C TRP A 7 0.09 -0.13 5.85
N LYS A 8 -0.79 0.55 6.58
CA LYS A 8 -2.06 1.03 6.03
C LYS A 8 -1.83 1.83 4.75
N CYS A 9 -2.92 2.09 4.03
CA CYS A 9 -2.84 2.85 2.79
C CYS A 9 -4.24 3.22 2.29
N ASN A 10 -4.31 4.28 1.49
CA ASN A 10 -5.58 4.74 0.94
C ASN A 10 -5.43 5.18 -0.50
N PRO A 11 -6.52 5.14 -1.29
CA PRO A 11 -6.50 5.53 -2.70
C PRO A 11 -6.29 7.03 -2.88
N ASN A 12 -6.67 7.81 -1.87
CA ASN A 12 -6.52 9.26 -1.92
C ASN A 12 -5.31 9.72 -1.11
N ASP A 13 -5.00 8.97 -0.05
CA ASP A 13 -3.87 9.30 0.81
C ASP A 13 -2.58 8.68 0.28
N ASP A 14 -2.69 7.46 -0.24
CA ASP A 14 -1.53 6.75 -0.78
C ASP A 14 -0.51 6.49 0.31
N LYS A 15 0.16 5.34 0.21
CA LYS A 15 1.17 4.96 1.19
C LYS A 15 2.15 3.95 0.60
N CYS A 16 1.63 2.97 -0.13
CA CYS A 16 2.47 1.96 -0.76
C CYS A 16 3.44 2.60 -1.75
N CYS A 17 4.58 3.06 -1.25
CA CYS A 17 5.57 3.72 -2.10
C CYS A 17 6.63 2.73 -2.56
N ARG A 18 6.23 1.50 -2.85
CA ARG A 18 7.16 0.48 -3.31
C ARG A 18 6.69 -0.10 -4.65
N PRO A 19 7.64 -0.41 -5.54
CA PRO A 19 7.33 -0.97 -6.86
C PRO A 19 6.90 -2.42 -6.79
N LYS A 20 6.84 -2.97 -5.59
CA LYS A 20 6.46 -4.34 -5.42
C LYS A 20 5.09 -4.47 -4.74
N LEU A 21 4.60 -3.38 -4.16
CA LEU A 21 3.29 -3.41 -3.49
C LEU A 21 2.27 -2.57 -4.25
N LYS A 22 1.00 -2.72 -3.88
CA LYS A 22 -0.08 -1.98 -4.51
C LYS A 22 -1.20 -1.70 -3.50
N CYS A 23 -1.53 -0.43 -3.35
CA CYS A 23 -2.59 -0.02 -2.42
C CYS A 23 -3.90 -0.72 -2.74
N SER A 24 -4.41 -1.48 -1.75
CA SER A 24 -5.67 -2.20 -1.92
C SER A 24 -6.60 -1.94 -0.74
N LYS A 25 -7.90 -2.13 -0.95
CA LYS A 25 -8.88 -1.91 0.09
C LYS A 25 -9.34 -3.21 0.75
N LEU A 26 -8.66 -4.32 0.43
CA LEU A 26 -9.02 -5.61 1.02
C LEU A 26 -8.93 -5.56 2.53
N PHE A 27 -8.09 -4.66 3.05
CA PHE A 27 -7.91 -4.51 4.49
C PHE A 27 -7.28 -3.16 4.84
N LYS A 28 -7.37 -2.19 3.92
CA LYS A 28 -6.82 -0.86 4.17
C LYS A 28 -5.32 -0.91 4.39
N LEU A 29 -4.64 -1.81 3.69
CA LEU A 29 -3.20 -1.96 3.85
C LEU A 29 -2.53 -2.25 2.51
N CYS A 30 -1.19 -2.27 2.51
CA CYS A 30 -0.42 -2.53 1.30
C CYS A 30 -0.25 -4.03 1.08
N ASN A 31 -0.03 -4.41 -0.18
CA ASN A 31 0.17 -5.82 -0.53
C ASN A 31 1.14 -5.94 -1.71
N PHE A 32 2.09 -6.88 -1.58
CA PHE A 32 3.07 -7.10 -2.63
C PHE A 32 2.39 -7.51 -3.94
N SER A 33 1.92 -8.75 -4.00
CA SER A 33 1.25 -9.25 -5.19
C SER A 33 -0.26 -9.24 -5.00
N PHE A 34 -0.72 -9.70 -3.85
CA PHE A 34 -2.15 -9.74 -3.56
C PHE A 34 -2.44 -9.15 -2.17
N GLY A 1 10.84 5.96 2.05
CA GLY A 1 9.93 6.52 1.02
C GLY A 1 8.65 7.06 1.62
N CYS A 2 7.51 6.52 1.17
CA CYS A 2 6.21 6.95 1.67
C CYS A 2 5.56 5.85 2.52
N LEU A 3 5.50 4.64 1.98
CA LEU A 3 4.91 3.52 2.70
C LEU A 3 5.50 2.20 2.24
N GLU A 4 5.59 1.27 3.18
CA GLU A 4 6.15 -0.04 2.89
C GLU A 4 5.08 -1.12 3.01
N PHE A 5 5.52 -2.38 2.97
CA PHE A 5 4.61 -3.51 3.08
C PHE A 5 3.83 -3.50 4.39
N TRP A 6 2.54 -3.81 4.30
CA TRP A 6 1.67 -3.87 5.48
C TRP A 6 1.22 -2.47 5.92
N TRP A 7 2.16 -1.54 6.05
CA TRP A 7 1.85 -0.18 6.50
C TRP A 7 0.55 0.33 5.89
N LYS A 8 -0.41 0.66 6.75
CA LYS A 8 -1.72 1.15 6.32
C LYS A 8 -1.59 2.20 5.23
N CYS A 9 -2.63 2.29 4.39
CA CYS A 9 -2.64 3.25 3.30
C CYS A 9 -4.06 3.78 3.06
N ASN A 10 -4.15 4.99 2.53
CA ASN A 10 -5.44 5.61 2.25
C ASN A 10 -5.66 5.72 0.74
N PRO A 11 -6.54 4.89 0.17
CA PRO A 11 -6.84 4.91 -1.27
C PRO A 11 -7.04 6.33 -1.81
N ASN A 12 -7.49 7.24 -0.94
CA ASN A 12 -7.71 8.62 -1.33
C ASN A 12 -6.40 9.31 -1.69
N ASP A 13 -5.32 8.90 -1.01
CA ASP A 13 -4.00 9.49 -1.26
C ASP A 13 -3.08 8.49 -1.94
N ASP A 14 -3.11 7.24 -1.47
CA ASP A 14 -2.27 6.19 -2.04
C ASP A 14 -0.80 6.45 -1.76
N LYS A 15 -0.38 6.20 -0.51
CA LYS A 15 1.01 6.42 -0.12
C LYS A 15 1.84 5.15 -0.28
N CYS A 16 1.20 4.06 -0.71
CA CYS A 16 1.92 2.80 -0.92
C CYS A 16 2.97 2.98 -2.00
N CYS A 17 4.24 2.92 -1.59
CA CYS A 17 5.34 3.09 -2.54
C CYS A 17 6.33 1.93 -2.47
N ARG A 18 6.28 1.07 -3.48
CA ARG A 18 7.17 -0.08 -3.55
C ARG A 18 6.96 -0.84 -4.86
N PRO A 19 8.02 -1.47 -5.38
CA PRO A 19 7.96 -2.23 -6.63
C PRO A 19 6.87 -3.27 -6.65
N LYS A 20 6.64 -3.91 -5.53
CA LYS A 20 5.64 -4.96 -5.47
C LYS A 20 4.42 -4.57 -4.62
N LEU A 21 4.42 -3.37 -4.06
CA LEU A 21 3.30 -2.92 -3.24
C LEU A 21 2.16 -2.38 -4.09
N LYS A 22 1.03 -2.10 -3.45
CA LYS A 22 -0.14 -1.57 -4.13
C LYS A 22 -1.27 -1.30 -3.15
N CYS A 23 -1.55 -0.02 -2.89
CA CYS A 23 -2.61 0.35 -1.96
C CYS A 23 -3.92 -0.34 -2.30
N SER A 24 -4.18 -1.46 -1.62
CA SER A 24 -5.40 -2.22 -1.84
C SER A 24 -6.47 -1.85 -0.82
N LYS A 25 -7.72 -1.95 -1.22
CA LYS A 25 -8.84 -1.63 -0.34
C LYS A 25 -9.25 -2.83 0.51
N LEU A 26 -8.45 -3.90 0.47
CA LEU A 26 -8.75 -5.10 1.24
C LEU A 26 -8.89 -4.77 2.72
N PHE A 27 -7.92 -4.06 3.27
CA PHE A 27 -7.95 -3.67 4.67
C PHE A 27 -7.20 -2.35 4.91
N LYS A 28 -7.01 -1.58 3.83
CA LYS A 28 -6.34 -0.28 3.91
C LYS A 28 -4.86 -0.46 4.26
N LEU A 29 -4.19 -1.39 3.59
CA LEU A 29 -2.77 -1.63 3.84
C LEU A 29 -2.04 -1.96 2.53
N CYS A 30 -0.74 -1.68 2.51
CA CYS A 30 0.07 -1.94 1.32
C CYS A 30 0.36 -3.43 1.20
N ASN A 31 -0.43 -4.13 0.39
CA ASN A 31 -0.25 -5.55 0.19
C ASN A 31 0.42 -5.84 -1.16
N PHE A 32 1.24 -6.87 -1.19
CA PHE A 32 1.94 -7.25 -2.42
C PHE A 32 0.96 -7.74 -3.47
N SER A 33 1.46 -7.92 -4.70
CA SER A 33 0.62 -8.38 -5.80
C SER A 33 0.98 -9.82 -6.17
N PHE A 34 2.26 -10.15 -6.08
CA PHE A 34 2.74 -11.49 -6.41
C PHE A 34 3.09 -12.28 -5.15
N GLY A 1 11.22 6.33 1.35
CA GLY A 1 9.95 6.29 0.57
C GLY A 1 8.80 6.95 1.29
N CYS A 2 7.60 6.40 1.13
CA CYS A 2 6.41 6.94 1.77
C CYS A 2 5.91 6.00 2.87
N LEU A 3 5.73 4.73 2.51
CA LEU A 3 5.28 3.72 3.45
C LEU A 3 5.47 2.33 2.89
N GLU A 4 6.06 1.47 3.71
CA GLU A 4 6.34 0.11 3.29
C GLU A 4 5.11 -0.78 3.38
N PHE A 5 5.30 -2.06 3.10
CA PHE A 5 4.24 -3.05 3.13
C PHE A 5 3.43 -2.97 4.43
N TRP A 6 2.21 -3.52 4.40
CA TRP A 6 1.33 -3.53 5.56
C TRP A 6 0.84 -2.13 5.92
N TRP A 7 1.77 -1.23 6.22
CA TRP A 7 1.42 0.14 6.60
C TRP A 7 0.26 0.68 5.75
N LYS A 8 -0.92 0.76 6.37
CA LYS A 8 -2.12 1.24 5.68
C LYS A 8 -1.84 2.50 4.88
N CYS A 9 -2.78 2.86 4.01
CA CYS A 9 -2.63 4.05 3.18
C CYS A 9 -3.85 4.96 3.30
N ASN A 10 -3.91 5.96 2.43
CA ASN A 10 -5.03 6.90 2.42
C ASN A 10 -5.35 7.35 0.99
N PRO A 11 -6.49 6.89 0.44
CA PRO A 11 -6.89 7.24 -0.93
C PRO A 11 -7.04 8.75 -1.12
N ASN A 12 -5.90 9.41 -1.34
CA ASN A 12 -5.89 10.87 -1.54
C ASN A 12 -4.45 11.38 -1.65
N ASP A 13 -3.59 10.85 -0.80
CA ASP A 13 -2.18 11.25 -0.80
C ASP A 13 -1.29 10.12 -1.31
N ASP A 14 -1.79 8.88 -1.21
CA ASP A 14 -1.04 7.71 -1.64
C ASP A 14 0.13 7.42 -0.71
N LYS A 15 0.06 6.29 -0.03
CA LYS A 15 1.12 5.88 0.90
C LYS A 15 1.82 4.61 0.42
N CYS A 16 1.04 3.71 -0.18
CA CYS A 16 1.59 2.47 -0.70
C CYS A 16 2.40 2.73 -1.96
N CYS A 17 3.72 2.74 -1.82
CA CYS A 17 4.60 3.00 -2.94
C CYS A 17 5.62 1.88 -3.12
N ARG A 18 5.40 1.05 -4.13
CA ARG A 18 6.30 -0.07 -4.41
C ARG A 18 5.79 -0.85 -5.62
N PRO A 19 6.71 -1.26 -6.53
CA PRO A 19 6.34 -2.02 -7.73
C PRO A 19 5.52 -3.24 -7.41
N LYS A 20 5.64 -3.73 -6.19
CA LYS A 20 4.91 -4.91 -5.80
C LYS A 20 3.83 -4.60 -4.75
N LEU A 21 3.83 -3.38 -4.24
CA LEU A 21 2.84 -2.99 -3.23
C LEU A 21 1.61 -2.35 -3.89
N LYS A 22 0.50 -2.34 -3.15
CA LYS A 22 -0.74 -1.76 -3.64
C LYS A 22 -1.86 -1.94 -2.61
N CYS A 23 -2.41 -0.82 -2.14
CA CYS A 23 -3.47 -0.85 -1.15
C CYS A 23 -4.63 -1.72 -1.63
N SER A 24 -4.58 -3.00 -1.29
CA SER A 24 -5.62 -3.94 -1.69
C SER A 24 -6.87 -3.77 -0.83
N LYS A 25 -8.03 -4.11 -1.40
CA LYS A 25 -9.30 -4.00 -0.69
C LYS A 25 -9.42 -5.06 0.41
N LEU A 26 -8.49 -6.02 0.42
CA LEU A 26 -8.51 -7.08 1.41
C LEU A 26 -8.63 -6.51 2.82
N PHE A 27 -7.79 -5.53 3.13
CA PHE A 27 -7.83 -4.89 4.45
C PHE A 27 -7.42 -3.42 4.38
N LYS A 28 -7.28 -2.89 3.16
CA LYS A 28 -6.91 -1.49 2.96
C LYS A 28 -5.49 -1.22 3.46
N LEU A 29 -4.58 -2.13 3.13
CA LEU A 29 -3.18 -2.00 3.54
C LEU A 29 -2.24 -2.41 2.40
N CYS A 30 -1.05 -1.84 2.37
CA CYS A 30 -0.07 -2.16 1.33
C CYS A 30 0.21 -3.66 1.29
N ASN A 31 -0.09 -4.28 0.16
CA ASN A 31 0.13 -5.71 -0.01
C ASN A 31 1.00 -5.99 -1.24
N PHE A 32 1.88 -6.97 -1.11
CA PHE A 32 2.77 -7.33 -2.21
C PHE A 32 1.97 -7.80 -3.43
N SER A 33 2.68 -8.20 -4.48
CA SER A 33 2.03 -8.67 -5.70
C SER A 33 2.19 -10.18 -5.86
N PHE A 34 3.36 -10.68 -5.49
CA PHE A 34 3.64 -12.11 -5.61
C PHE A 34 2.67 -12.92 -4.75
N GLY A 1 11.10 6.34 2.56
CA GLY A 1 10.26 6.65 1.38
C GLY A 1 8.91 7.24 1.78
N CYS A 2 7.84 6.66 1.24
CA CYS A 2 6.49 7.13 1.54
C CYS A 2 5.73 6.11 2.39
N LEU A 3 5.73 4.86 1.95
CA LEU A 3 5.05 3.80 2.68
C LEU A 3 5.68 2.45 2.42
N GLU A 4 5.62 1.59 3.42
CA GLU A 4 6.20 0.27 3.31
C GLU A 4 5.12 -0.81 3.43
N PHE A 5 5.55 -2.07 3.36
CA PHE A 5 4.62 -3.20 3.45
C PHE A 5 3.78 -3.11 4.72
N TRP A 6 2.52 -3.52 4.59
CA TRP A 6 1.57 -3.50 5.71
C TRP A 6 1.06 -2.09 5.99
N TRP A 7 1.98 -1.16 6.28
CA TRP A 7 1.62 0.22 6.57
C TRP A 7 0.33 0.65 5.85
N LYS A 8 -0.77 0.66 6.59
CA LYS A 8 -2.07 1.02 6.04
C LYS A 8 -1.99 2.27 5.16
N CYS A 9 -2.81 2.29 4.12
CA CYS A 9 -2.85 3.42 3.19
C CYS A 9 -4.28 3.73 2.78
N ASN A 10 -4.44 4.70 1.88
CA ASN A 10 -5.76 5.09 1.40
C ASN A 10 -5.70 5.56 -0.04
N PRO A 11 -6.85 5.63 -0.73
CA PRO A 11 -6.92 6.07 -2.13
C PRO A 11 -6.47 7.51 -2.31
N ASN A 12 -6.58 8.30 -1.25
CA ASN A 12 -6.19 9.71 -1.30
C ASN A 12 -4.73 9.88 -0.87
N ASP A 13 -4.40 9.36 0.30
CA ASP A 13 -3.04 9.46 0.84
C ASP A 13 -2.18 8.29 0.37
N ASP A 14 -2.70 7.50 -0.58
CA ASP A 14 -1.97 6.35 -1.10
C ASP A 14 -0.50 6.65 -1.35
N LYS A 15 0.33 6.28 -0.38
CA LYS A 15 1.77 6.51 -0.50
C LYS A 15 2.50 5.22 -0.88
N CYS A 16 1.76 4.31 -1.51
CA CYS A 16 2.32 3.04 -1.95
C CYS A 16 3.35 3.27 -3.05
N CYS A 17 4.62 3.32 -2.66
CA CYS A 17 5.70 3.55 -3.61
C CYS A 17 6.69 2.38 -3.62
N ARG A 18 6.29 1.29 -4.26
CA ARG A 18 7.14 0.10 -4.35
C ARG A 18 6.63 -0.84 -5.44
N PRO A 19 7.55 -1.50 -6.16
CA PRO A 19 7.18 -2.44 -7.22
C PRO A 19 6.44 -3.64 -6.69
N LYS A 20 6.48 -3.82 -5.37
CA LYS A 20 5.81 -4.94 -4.76
C LYS A 20 4.61 -4.51 -3.92
N LEU A 21 4.58 -3.24 -3.51
CA LEU A 21 3.47 -2.73 -2.71
C LEU A 21 2.28 -2.36 -3.58
N LYS A 22 1.12 -2.17 -2.95
CA LYS A 22 -0.09 -1.81 -3.66
C LYS A 22 -1.27 -1.71 -2.70
N CYS A 23 -1.82 -0.50 -2.55
CA CYS A 23 -2.95 -0.27 -1.66
C CYS A 23 -4.15 -1.12 -2.07
N SER A 24 -4.19 -2.36 -1.61
CA SER A 24 -5.28 -3.26 -1.93
C SER A 24 -6.47 -3.03 -1.01
N LYS A 25 -7.66 -3.43 -1.47
CA LYS A 25 -8.87 -3.27 -0.68
C LYS A 25 -9.13 -4.48 0.21
N LEU A 26 -8.15 -5.37 0.31
CA LEU A 26 -8.29 -6.56 1.14
C LEU A 26 -8.45 -6.19 2.61
N PHE A 27 -7.57 -5.33 3.10
CA PHE A 27 -7.64 -4.89 4.49
C PHE A 27 -7.15 -3.44 4.65
N LYS A 28 -7.06 -2.72 3.52
CA LYS A 28 -6.62 -1.33 3.54
C LYS A 28 -5.16 -1.19 3.94
N LEU A 29 -4.29 -1.94 3.26
CA LEU A 29 -2.86 -1.89 3.56
C LEU A 29 -2.04 -2.03 2.28
N CYS A 30 -0.83 -1.46 2.29
CA CYS A 30 0.05 -1.53 1.13
C CYS A 30 0.61 -2.94 0.94
N ASN A 31 -0.28 -3.88 0.65
CA ASN A 31 0.12 -5.27 0.45
C ASN A 31 0.40 -5.53 -1.03
N PHE A 32 1.19 -6.56 -1.31
CA PHE A 32 1.53 -6.90 -2.68
C PHE A 32 0.40 -7.68 -3.34
N SER A 33 0.15 -7.40 -4.61
CA SER A 33 -0.91 -8.07 -5.36
C SER A 33 -0.66 -9.57 -5.42
N PHE A 34 0.60 -9.95 -5.63
CA PHE A 34 0.96 -11.37 -5.70
C PHE A 34 0.63 -12.09 -4.41
N GLY A 1 10.76 5.30 0.71
CA GLY A 1 9.56 5.94 0.12
C GLY A 1 8.68 6.61 1.16
N CYS A 2 7.43 6.17 1.24
CA CYS A 2 6.49 6.73 2.20
C CYS A 2 6.16 5.71 3.29
N LEU A 3 5.78 4.51 2.87
CA LEU A 3 5.44 3.45 3.81
C LEU A 3 5.70 2.08 3.19
N GLU A 4 6.35 1.22 3.96
CA GLU A 4 6.67 -0.10 3.49
C GLU A 4 5.45 -1.02 3.53
N PHE A 5 5.69 -2.30 3.25
CA PHE A 5 4.63 -3.30 3.24
C PHE A 5 3.81 -3.28 4.52
N TRP A 6 2.60 -3.82 4.45
CA TRP A 6 1.70 -3.88 5.60
C TRP A 6 1.16 -2.50 5.97
N TRP A 7 2.05 -1.55 6.25
CA TRP A 7 1.64 -0.20 6.63
C TRP A 7 0.50 0.30 5.75
N LYS A 8 -0.60 0.67 6.39
CA LYS A 8 -1.79 1.14 5.70
C LYS A 8 -1.48 2.29 4.74
N CYS A 9 -2.44 2.60 3.88
CA CYS A 9 -2.30 3.67 2.91
C CYS A 9 -3.64 4.39 2.68
N ASN A 10 -3.57 5.55 2.06
CA ASN A 10 -4.78 6.33 1.78
C ASN A 10 -5.19 6.18 0.32
N PRO A 11 -6.50 5.97 0.06
CA PRO A 11 -7.02 5.80 -1.30
C PRO A 11 -7.00 7.10 -2.10
N ASN A 12 -6.67 8.21 -1.44
CA ASN A 12 -6.63 9.50 -2.10
C ASN A 12 -5.20 9.93 -2.40
N ASP A 13 -4.32 9.77 -1.41
CA ASP A 13 -2.91 10.16 -1.56
C ASP A 13 -2.04 8.94 -1.87
N ASP A 14 -2.47 7.77 -1.40
CA ASP A 14 -1.73 6.54 -1.63
C ASP A 14 -0.37 6.59 -0.93
N LYS A 15 -0.26 5.91 0.20
CA LYS A 15 0.99 5.89 0.96
C LYS A 15 1.81 4.64 0.64
N CYS A 16 1.54 4.04 -0.52
CA CYS A 16 2.27 2.84 -0.94
C CYS A 16 3.35 3.21 -1.96
N CYS A 17 4.58 3.35 -1.47
CA CYS A 17 5.70 3.71 -2.34
C CYS A 17 6.54 2.48 -2.69
N ARG A 18 6.06 1.69 -3.63
CA ARG A 18 6.78 0.48 -4.05
C ARG A 18 6.15 -0.10 -5.31
N PRO A 19 6.98 -0.59 -6.25
CA PRO A 19 6.50 -1.19 -7.50
C PRO A 19 5.62 -2.39 -7.27
N LYS A 20 5.70 -2.95 -6.07
CA LYS A 20 4.92 -4.11 -5.76
C LYS A 20 3.82 -3.80 -4.72
N LEU A 21 3.95 -2.67 -4.04
CA LEU A 21 2.97 -2.27 -3.03
C LEU A 21 1.78 -1.56 -3.68
N LYS A 22 0.65 -1.56 -2.98
CA LYS A 22 -0.56 -0.91 -3.47
C LYS A 22 -1.69 -1.04 -2.44
N CYS A 23 -2.56 -0.04 -2.41
CA CYS A 23 -3.68 -0.04 -1.48
C CYS A 23 -4.71 -1.11 -1.87
N SER A 24 -4.30 -2.37 -1.76
CA SER A 24 -5.18 -3.48 -2.10
C SER A 24 -6.45 -3.46 -1.25
N LYS A 25 -7.48 -4.15 -1.73
CA LYS A 25 -8.75 -4.21 -1.02
C LYS A 25 -8.74 -5.30 0.06
N LEU A 26 -7.60 -5.94 0.26
CA LEU A 26 -7.48 -6.99 1.27
C LEU A 26 -7.92 -6.46 2.63
N PHE A 27 -7.37 -5.32 3.02
CA PHE A 27 -7.71 -4.69 4.29
C PHE A 27 -7.46 -3.18 4.27
N LYS A 28 -7.27 -2.63 3.07
CA LYS A 28 -7.02 -1.19 2.92
C LYS A 28 -5.63 -0.83 3.43
N LEU A 29 -4.62 -1.50 2.90
CA LEU A 29 -3.24 -1.24 3.31
C LEU A 29 -2.28 -1.46 2.15
N CYS A 30 -0.99 -1.29 2.41
CA CYS A 30 0.04 -1.48 1.37
C CYS A 30 0.53 -2.92 1.35
N ASN A 31 -0.13 -3.76 0.57
CA ASN A 31 0.26 -5.16 0.46
C ASN A 31 0.60 -5.52 -0.98
N PHE A 32 1.50 -6.48 -1.15
CA PHE A 32 1.92 -6.93 -2.47
C PHE A 32 0.77 -7.61 -3.20
N SER A 33 0.99 -7.90 -4.48
CA SER A 33 -0.04 -8.55 -5.29
C SER A 33 -0.17 -10.03 -4.91
N PHE A 34 0.95 -10.69 -4.67
CA PHE A 34 0.96 -12.09 -4.29
C PHE A 34 1.07 -12.25 -2.77
N GLY A 1 11.30 4.52 -0.37
CA GLY A 1 9.93 4.99 -0.74
C GLY A 1 9.29 5.81 0.35
N CYS A 2 7.98 5.65 0.52
CA CYS A 2 7.24 6.39 1.53
C CYS A 2 6.80 5.46 2.66
N LEU A 3 6.24 4.31 2.29
CA LEU A 3 5.77 3.34 3.27
C LEU A 3 5.87 1.93 2.73
N GLU A 4 6.35 1.03 3.58
CA GLU A 4 6.52 -0.36 3.19
C GLU A 4 5.21 -1.13 3.28
N PHE A 5 5.27 -2.42 2.91
CA PHE A 5 4.11 -3.29 2.94
C PHE A 5 3.36 -3.19 4.28
N TRP A 6 2.13 -3.67 4.29
CA TRP A 6 1.29 -3.66 5.48
C TRP A 6 0.83 -2.24 5.84
N TRP A 7 1.80 -1.37 6.15
CA TRP A 7 1.50 0.01 6.52
C TRP A 7 0.30 0.56 5.72
N LYS A 8 -0.82 0.71 6.40
CA LYS A 8 -2.06 1.21 5.77
C LYS A 8 -1.82 2.53 5.07
N CYS A 9 -2.81 2.96 4.29
CA CYS A 9 -2.73 4.21 3.55
C CYS A 9 -4.12 4.82 3.35
N ASN A 10 -4.19 5.85 2.52
CA ASN A 10 -5.46 6.51 2.23
C ASN A 10 -5.79 6.42 0.74
N PRO A 11 -7.01 5.98 0.39
CA PRO A 11 -7.44 5.86 -1.00
C PRO A 11 -7.03 7.06 -1.86
N ASN A 12 -6.92 8.22 -1.23
CA ASN A 12 -6.54 9.44 -1.93
C ASN A 12 -5.06 9.76 -1.72
N ASP A 13 -4.62 9.69 -0.47
CA ASP A 13 -3.23 9.98 -0.12
C ASP A 13 -2.29 8.94 -0.72
N ASP A 14 -2.61 7.67 -0.50
CA ASP A 14 -1.79 6.58 -1.01
C ASP A 14 -0.42 6.57 -0.36
N LYS A 15 -0.03 5.43 0.20
CA LYS A 15 1.27 5.30 0.86
C LYS A 15 2.09 4.17 0.25
N CYS A 16 1.57 3.54 -0.80
CA CYS A 16 2.27 2.46 -1.47
C CYS A 16 3.15 3.01 -2.59
N CYS A 17 4.40 3.28 -2.26
CA CYS A 17 5.34 3.84 -3.24
C CYS A 17 6.12 2.75 -3.95
N ARG A 18 6.29 1.61 -3.28
CA ARG A 18 7.03 0.49 -3.87
C ARG A 18 6.34 -0.02 -5.12
N PRO A 19 7.13 -0.42 -6.15
CA PRO A 19 6.58 -0.94 -7.41
C PRO A 19 5.69 -2.14 -7.21
N LYS A 20 5.77 -2.74 -6.05
CA LYS A 20 4.97 -3.91 -5.76
C LYS A 20 3.90 -3.63 -4.72
N LEU A 21 4.07 -2.55 -3.95
CA LEU A 21 3.11 -2.20 -2.92
C LEU A 21 1.83 -1.64 -3.54
N LYS A 22 0.70 -1.89 -2.89
CA LYS A 22 -0.59 -1.41 -3.37
C LYS A 22 -1.63 -1.45 -2.26
N CYS A 23 -2.41 -0.38 -2.14
CA CYS A 23 -3.44 -0.30 -1.11
C CYS A 23 -4.70 -1.05 -1.56
N SER A 24 -4.69 -2.36 -1.36
CA SER A 24 -5.84 -3.19 -1.73
C SER A 24 -7.09 -2.75 -0.99
N LYS A 25 -8.24 -3.32 -1.37
CA LYS A 25 -9.50 -2.96 -0.74
C LYS A 25 -9.89 -3.95 0.36
N LEU A 26 -9.26 -5.12 0.37
CA LEU A 26 -9.56 -6.14 1.38
C LEU A 26 -9.54 -5.54 2.78
N PHE A 27 -8.54 -4.72 3.06
CA PHE A 27 -8.42 -4.08 4.37
C PHE A 27 -7.75 -2.71 4.28
N LYS A 28 -7.56 -2.21 3.06
CA LYS A 28 -6.94 -0.90 2.85
C LYS A 28 -5.52 -0.85 3.40
N LEU A 29 -4.63 -1.63 2.79
CA LEU A 29 -3.24 -1.66 3.22
C LEU A 29 -2.31 -1.94 2.04
N CYS A 30 -1.05 -1.53 2.16
CA CYS A 30 -0.06 -1.74 1.10
C CYS A 30 0.36 -3.21 1.05
N ASN A 31 -0.29 -3.98 0.19
CA ASN A 31 0.02 -5.40 0.04
C ASN A 31 1.15 -5.61 -0.95
N PHE A 32 1.74 -6.80 -0.91
CA PHE A 32 2.84 -7.14 -1.81
C PHE A 32 2.31 -7.66 -3.15
N SER A 33 3.21 -8.21 -3.96
CA SER A 33 2.82 -8.74 -5.26
C SER A 33 2.92 -10.26 -5.28
N PHE A 34 4.06 -10.78 -4.83
CA PHE A 34 4.28 -12.22 -4.79
C PHE A 34 3.53 -12.85 -3.63
N GLY A 1 11.42 5.51 1.46
CA GLY A 1 10.34 5.96 0.55
C GLY A 1 9.25 6.71 1.27
N CYS A 2 8.00 6.30 1.06
CA CYS A 2 6.86 6.94 1.71
C CYS A 2 6.24 6.00 2.75
N LEU A 3 5.96 4.77 2.35
CA LEU A 3 5.37 3.78 3.25
C LEU A 3 5.66 2.38 2.78
N GLU A 4 6.07 1.53 3.71
CA GLU A 4 6.39 0.16 3.39
C GLU A 4 5.16 -0.75 3.50
N PHE A 5 5.36 -2.03 3.22
CA PHE A 5 4.30 -3.03 3.29
C PHE A 5 3.51 -2.93 4.59
N TRP A 6 2.32 -3.52 4.58
CA TRP A 6 1.44 -3.54 5.76
C TRP A 6 0.87 -2.15 6.06
N TRP A 7 1.75 -1.18 6.33
CA TRP A 7 1.32 0.18 6.66
C TRP A 7 0.05 0.58 5.91
N LYS A 8 -1.03 0.75 6.67
CA LYS A 8 -2.33 1.12 6.10
C LYS A 8 -2.20 2.25 5.09
N CYS A 9 -3.27 2.49 4.35
CA CYS A 9 -3.28 3.55 3.34
C CYS A 9 -4.70 3.86 2.89
N ASN A 10 -4.83 4.77 1.93
CA ASN A 10 -6.14 5.15 1.40
C ASN A 10 -6.02 5.63 -0.04
N PRO A 11 -7.15 5.67 -0.77
CA PRO A 11 -7.18 6.12 -2.17
C PRO A 11 -6.82 7.59 -2.30
N ASN A 12 -5.74 7.86 -3.04
CA ASN A 12 -5.28 9.23 -3.25
C ASN A 12 -4.63 9.78 -1.99
N ASP A 13 -3.99 8.89 -1.22
CA ASP A 13 -3.32 9.29 0.01
C ASP A 13 -1.81 9.28 -0.16
N ASP A 14 -1.32 8.52 -1.14
CA ASP A 14 0.11 8.43 -1.41
C ASP A 14 0.83 7.69 -0.29
N LYS A 15 0.69 6.37 -0.27
CA LYS A 15 1.33 5.54 0.74
C LYS A 15 2.17 4.44 0.10
N CYS A 16 1.50 3.51 -0.58
CA CYS A 16 2.20 2.42 -1.25
C CYS A 16 2.95 2.95 -2.47
N CYS A 17 4.28 2.94 -2.37
CA CYS A 17 5.13 3.44 -3.46
C CYS A 17 5.99 2.33 -4.06
N ARG A 18 6.12 1.22 -3.34
CA ARG A 18 6.93 0.11 -3.82
C ARG A 18 6.35 -0.46 -5.11
N PRO A 19 7.23 -0.84 -6.06
CA PRO A 19 6.79 -1.41 -7.34
C PRO A 19 5.99 -2.68 -7.16
N LYS A 20 6.08 -3.26 -5.99
CA LYS A 20 5.37 -4.48 -5.71
C LYS A 20 4.23 -4.27 -4.69
N LEU A 21 4.21 -3.12 -4.03
CA LEU A 21 3.16 -2.84 -3.05
C LEU A 21 1.88 -2.39 -3.74
N LYS A 22 0.81 -2.27 -2.96
CA LYS A 22 -0.48 -1.84 -3.48
C LYS A 22 -1.51 -1.74 -2.37
N CYS A 23 -2.16 -0.58 -2.27
CA CYS A 23 -3.17 -0.36 -1.24
C CYS A 23 -4.29 -1.38 -1.34
N SER A 24 -4.12 -2.51 -0.66
CA SER A 24 -5.11 -3.59 -0.68
C SER A 24 -6.47 -3.06 -0.20
N LYS A 25 -7.52 -3.82 -0.50
CA LYS A 25 -8.87 -3.44 -0.11
C LYS A 25 -9.42 -4.36 0.99
N LEU A 26 -8.92 -5.59 1.04
CA LEU A 26 -9.38 -6.56 2.05
C LEU A 26 -9.28 -5.99 3.46
N PHE A 27 -8.22 -5.24 3.73
CA PHE A 27 -8.03 -4.63 5.05
C PHE A 27 -7.40 -3.24 4.96
N LYS A 28 -7.23 -2.72 3.74
CA LYS A 28 -6.66 -1.40 3.54
C LYS A 28 -5.22 -1.31 4.04
N LEU A 29 -4.32 -2.05 3.40
CA LEU A 29 -2.91 -2.05 3.77
C LEU A 29 -2.03 -2.29 2.55
N CYS A 30 -0.88 -1.63 2.50
CA CYS A 30 0.04 -1.78 1.38
C CYS A 30 0.50 -3.24 1.26
N ASN A 31 -0.22 -4.01 0.46
CA ASN A 31 0.11 -5.42 0.26
C ASN A 31 0.80 -5.63 -1.07
N PHE A 32 1.21 -6.87 -1.33
CA PHE A 32 1.89 -7.21 -2.58
C PHE A 32 0.92 -7.82 -3.58
N SER A 33 0.98 -7.35 -4.82
CA SER A 33 0.10 -7.84 -5.87
C SER A 33 0.79 -8.95 -6.67
N PHE A 34 2.11 -8.85 -6.80
CA PHE A 34 2.88 -9.84 -7.53
C PHE A 34 2.96 -11.16 -6.77
N GLY A 1 11.69 4.20 0.93
CA GLY A 1 10.86 5.04 0.03
C GLY A 1 9.95 5.98 0.79
N CYS A 2 8.64 5.80 0.63
CA CYS A 2 7.67 6.65 1.32
C CYS A 2 6.92 5.85 2.38
N LEU A 3 6.41 4.69 2.01
CA LEU A 3 5.69 3.83 2.93
C LEU A 3 5.89 2.37 2.60
N GLU A 4 6.24 1.60 3.62
CA GLU A 4 6.50 0.19 3.43
C GLU A 4 5.24 -0.65 3.60
N PHE A 5 5.40 -1.96 3.43
CA PHE A 5 4.29 -2.92 3.55
C PHE A 5 3.43 -2.65 4.78
N TRP A 6 2.22 -3.21 4.75
CA TRP A 6 1.27 -3.08 5.85
C TRP A 6 0.75 -1.64 5.99
N TRP A 7 1.65 -0.70 6.25
CA TRP A 7 1.28 0.71 6.42
C TRP A 7 0.05 1.08 5.57
N LYS A 8 -1.12 1.07 6.22
CA LYS A 8 -2.38 1.39 5.56
C LYS A 8 -2.25 2.60 4.64
N CYS A 9 -3.21 2.73 3.73
CA CYS A 9 -3.22 3.84 2.78
C CYS A 9 -4.65 4.29 2.48
N ASN A 10 -4.79 5.25 1.58
CA ASN A 10 -6.10 5.78 1.21
C ASN A 10 -6.06 6.40 -0.17
N PRO A 11 -7.23 6.62 -0.79
CA PRO A 11 -7.32 7.22 -2.12
C PRO A 11 -6.58 8.56 -2.22
N ASN A 12 -6.46 9.24 -1.08
CA ASN A 12 -5.79 10.53 -1.05
C ASN A 12 -4.63 10.53 -0.04
N ASP A 13 -4.51 9.45 0.73
CA ASP A 13 -3.45 9.35 1.73
C ASP A 13 -2.41 8.31 1.33
N ASP A 14 -2.76 7.43 0.39
CA ASP A 14 -1.86 6.39 -0.08
C ASP A 14 -0.51 6.99 -0.50
N LYS A 15 0.57 6.30 -0.15
CA LYS A 15 1.91 6.76 -0.50
C LYS A 15 2.93 5.63 -0.36
N CYS A 16 2.82 4.63 -1.23
CA CYS A 16 3.72 3.49 -1.22
C CYS A 16 4.74 3.63 -2.36
N CYS A 17 6.01 3.36 -2.06
CA CYS A 17 7.06 3.48 -3.04
C CYS A 17 7.63 2.11 -3.45
N ARG A 18 6.75 1.21 -3.86
CA ARG A 18 7.17 -0.12 -4.28
C ARG A 18 6.25 -0.65 -5.36
N PRO A 19 6.81 -1.39 -6.34
CA PRO A 19 6.02 -1.97 -7.43
C PRO A 19 5.14 -3.10 -6.99
N LYS A 20 5.25 -3.45 -5.72
CA LYS A 20 4.46 -4.54 -5.20
C LYS A 20 3.40 -4.04 -4.20
N LEU A 21 3.64 -2.88 -3.59
CA LEU A 21 2.70 -2.32 -2.64
C LEU A 21 1.50 -1.70 -3.36
N LYS A 22 0.34 -1.75 -2.71
CA LYS A 22 -0.88 -1.19 -3.30
C LYS A 22 -2.04 -1.33 -2.32
N CYS A 23 -2.88 -0.30 -2.26
CA CYS A 23 -4.03 -0.30 -1.37
C CYS A 23 -5.00 -1.43 -1.75
N SER A 24 -4.70 -2.63 -1.26
CA SER A 24 -5.55 -3.79 -1.54
C SER A 24 -6.87 -3.71 -0.79
N LYS A 25 -7.80 -4.58 -1.16
CA LYS A 25 -9.12 -4.60 -0.52
C LYS A 25 -9.16 -5.61 0.62
N LEU A 26 -8.23 -6.55 0.63
CA LEU A 26 -8.17 -7.57 1.67
C LEU A 26 -8.24 -6.95 3.06
N PHE A 27 -7.54 -5.84 3.23
CA PHE A 27 -7.51 -5.13 4.52
C PHE A 27 -7.42 -3.61 4.35
N LYS A 28 -7.54 -3.14 3.10
CA LYS A 28 -7.47 -1.71 2.81
C LYS A 28 -6.10 -1.12 3.13
N LEU A 29 -5.05 -1.88 2.86
CA LEU A 29 -3.68 -1.42 3.11
C LEU A 29 -2.78 -1.74 1.92
N CYS A 30 -1.48 -1.46 2.07
CA CYS A 30 -0.52 -1.72 0.99
C CYS A 30 -0.09 -3.19 1.01
N ASN A 31 -0.67 -3.97 0.11
CA ASN A 31 -0.35 -5.40 0.01
C ASN A 31 0.59 -5.67 -1.16
N PHE A 32 1.13 -6.88 -1.21
CA PHE A 32 2.05 -7.26 -2.28
C PHE A 32 1.30 -7.83 -3.46
N SER A 33 2.00 -8.03 -4.57
CA SER A 33 1.40 -8.58 -5.78
C SER A 33 1.89 -10.00 -6.04
N PHE A 34 3.12 -10.28 -5.63
CA PHE A 34 3.71 -11.61 -5.82
C PHE A 34 3.47 -12.48 -4.59
N GLY A 1 11.55 6.05 0.68
CA GLY A 1 10.12 5.81 0.38
C GLY A 1 9.19 6.51 1.34
N CYS A 2 7.91 6.15 1.32
CA CYS A 2 6.93 6.75 2.21
C CYS A 2 6.46 5.74 3.25
N LEU A 3 6.05 4.56 2.80
CA LEU A 3 5.60 3.50 3.69
C LEU A 3 5.92 2.14 3.12
N GLU A 4 6.45 1.27 3.99
CA GLU A 4 6.83 -0.06 3.57
C GLU A 4 5.62 -0.98 3.45
N PHE A 5 5.90 -2.26 3.22
CA PHE A 5 4.85 -3.27 3.06
C PHE A 5 3.89 -3.29 4.26
N TRP A 6 2.67 -3.74 4.01
CA TRP A 6 1.64 -3.83 5.03
C TRP A 6 1.12 -2.47 5.47
N TRP A 7 2.03 -1.57 5.86
CA TRP A 7 1.66 -0.24 6.32
C TRP A 7 0.51 0.35 5.50
N LYS A 8 -0.64 0.51 6.15
CA LYS A 8 -1.83 1.05 5.51
C LYS A 8 -1.51 2.29 4.68
N CYS A 9 -2.46 2.69 3.83
CA CYS A 9 -2.28 3.86 2.98
C CYS A 9 -3.63 4.52 2.69
N ASN A 10 -3.60 5.62 1.96
CA ASN A 10 -4.81 6.35 1.60
C ASN A 10 -5.21 6.06 0.16
N PRO A 11 -6.52 5.91 -0.11
CA PRO A 11 -7.02 5.62 -1.46
C PRO A 11 -6.88 6.82 -2.39
N ASN A 12 -6.90 8.02 -1.82
CA ASN A 12 -6.76 9.24 -2.60
C ASN A 12 -5.33 9.75 -2.57
N ASP A 13 -4.69 9.66 -1.41
CA ASP A 13 -3.32 10.12 -1.24
C ASP A 13 -2.34 9.01 -1.61
N ASP A 14 -2.58 7.81 -1.08
CA ASP A 14 -1.71 6.67 -1.36
C ASP A 14 -0.28 6.95 -0.88
N LYS A 15 0.04 6.50 0.32
CA LYS A 15 1.37 6.71 0.88
C LYS A 15 2.25 5.47 0.67
N CYS A 16 2.10 4.84 -0.50
CA CYS A 16 2.89 3.66 -0.83
C CYS A 16 3.94 4.01 -1.86
N CYS A 17 5.19 3.65 -1.57
CA CYS A 17 6.30 3.94 -2.49
C CYS A 17 7.05 2.67 -2.87
N ARG A 18 6.31 1.66 -3.31
CA ARG A 18 6.91 0.40 -3.70
C ARG A 18 6.22 -0.17 -4.95
N PRO A 19 7.00 -0.58 -5.97
CA PRO A 19 6.44 -1.13 -7.21
C PRO A 19 5.66 -2.40 -6.98
N LYS A 20 5.78 -2.96 -5.79
CA LYS A 20 5.08 -4.18 -5.48
C LYS A 20 3.96 -3.97 -4.45
N LEU A 21 3.79 -2.73 -3.99
CA LEU A 21 2.74 -2.42 -3.03
C LEU A 21 1.45 -2.02 -3.73
N LYS A 22 0.35 -2.01 -2.98
CA LYS A 22 -0.95 -1.64 -3.53
C LYS A 22 -2.02 -1.65 -2.44
N CYS A 23 -2.62 -0.49 -2.21
CA CYS A 23 -3.66 -0.37 -1.19
C CYS A 23 -4.84 -1.27 -1.51
N SER A 24 -4.75 -2.53 -1.10
CA SER A 24 -5.81 -3.51 -1.35
C SER A 24 -7.09 -3.12 -0.62
N LYS A 25 -8.18 -3.82 -0.93
CA LYS A 25 -9.47 -3.54 -0.31
C LYS A 25 -9.76 -4.53 0.81
N LEU A 26 -9.06 -5.66 0.81
CA LEU A 26 -9.24 -6.69 1.83
C LEU A 26 -9.18 -6.08 3.24
N PHE A 27 -8.25 -5.15 3.44
CA PHE A 27 -8.10 -4.50 4.73
C PHE A 27 -7.72 -3.01 4.58
N LYS A 28 -7.71 -2.52 3.34
CA LYS A 28 -7.38 -1.12 3.07
C LYS A 28 -5.92 -0.81 3.38
N LEU A 29 -5.03 -1.74 3.04
CA LEU A 29 -3.59 -1.55 3.27
C LEU A 29 -2.80 -1.90 2.01
N CYS A 30 -1.50 -1.58 2.03
CA CYS A 30 -0.64 -1.87 0.89
C CYS A 30 0.10 -3.19 1.07
N ASN A 31 -0.28 -4.17 0.26
CA ASN A 31 0.33 -5.49 0.32
C ASN A 31 1.03 -5.82 -0.99
N PHE A 32 1.45 -7.07 -1.14
CA PHE A 32 2.13 -7.51 -2.36
C PHE A 32 1.16 -8.22 -3.29
N SER A 33 1.52 -8.30 -4.58
CA SER A 33 0.68 -8.95 -5.57
C SER A 33 1.31 -10.26 -6.06
N PHE A 34 2.38 -10.70 -5.39
CA PHE A 34 3.06 -11.93 -5.76
C PHE A 34 2.08 -13.10 -5.88
N GLY A 1 11.75 5.01 0.28
CA GLY A 1 10.51 5.61 -0.30
C GLY A 1 9.71 6.41 0.70
N CYS A 2 8.42 6.12 0.78
CA CYS A 2 7.54 6.81 1.71
C CYS A 2 7.08 5.88 2.84
N LEU A 3 6.62 4.70 2.47
CA LEU A 3 6.16 3.70 3.45
C LEU A 3 6.14 2.32 2.83
N GLU A 4 6.40 1.32 3.65
CA GLU A 4 6.43 -0.05 3.17
C GLU A 4 5.02 -0.63 3.10
N PHE A 5 4.90 -1.76 2.42
CA PHE A 5 3.61 -2.42 2.27
C PHE A 5 2.99 -2.75 3.63
N TRP A 6 1.72 -3.14 3.62
CA TRP A 6 1.01 -3.48 4.85
C TRP A 6 0.62 -2.23 5.64
N TRP A 7 1.62 -1.41 5.97
CA TRP A 7 1.39 -0.19 6.74
C TRP A 7 0.10 0.53 6.31
N LYS A 8 -0.62 1.05 7.28
CA LYS A 8 -1.89 1.75 7.03
C LYS A 8 -1.77 2.72 5.86
N CYS A 9 -2.82 2.77 5.05
CA CYS A 9 -2.86 3.66 3.89
C CYS A 9 -4.26 3.69 3.28
N ASN A 10 -4.43 4.52 2.26
CA ASN A 10 -5.73 4.64 1.60
C ASN A 10 -5.57 4.76 0.09
N PRO A 11 -6.69 4.80 -0.66
CA PRO A 11 -6.66 4.92 -2.12
C PRO A 11 -5.97 6.19 -2.59
N ASN A 12 -6.54 7.34 -2.23
CA ASN A 12 -5.98 8.63 -2.62
C ASN A 12 -4.83 8.99 -1.68
N ASP A 13 -4.92 8.55 -0.43
CA ASP A 13 -3.88 8.83 0.55
C ASP A 13 -2.81 7.74 0.55
N ASP A 14 -2.85 6.85 -0.44
CA ASP A 14 -1.89 5.76 -0.56
C ASP A 14 -0.47 6.23 -0.26
N LYS A 15 0.23 5.48 0.60
CA LYS A 15 1.59 5.83 0.96
C LYS A 15 2.56 4.71 0.57
N CYS A 16 2.22 3.99 -0.49
CA CYS A 16 3.06 2.90 -0.97
C CYS A 16 3.94 3.38 -2.13
N CYS A 17 5.25 3.43 -1.89
CA CYS A 17 6.19 3.88 -2.92
C CYS A 17 7.01 2.73 -3.47
N ARG A 18 6.34 1.73 -4.05
CA ARG A 18 7.03 0.58 -4.63
C ARG A 18 6.19 -0.05 -5.73
N PRO A 19 6.83 -0.54 -6.80
CA PRO A 19 6.13 -1.18 -7.92
C PRO A 19 5.54 -2.53 -7.58
N LYS A 20 5.70 -2.93 -6.34
CA LYS A 20 5.19 -4.20 -5.89
C LYS A 20 4.02 -4.05 -4.93
N LEU A 21 3.87 -2.87 -4.33
CA LEU A 21 2.79 -2.63 -3.39
C LEU A 21 1.57 -2.06 -4.12
N LYS A 22 0.43 -2.06 -3.44
CA LYS A 22 -0.80 -1.55 -4.01
C LYS A 22 -1.85 -1.33 -2.93
N CYS A 23 -1.89 -0.11 -2.38
CA CYS A 23 -2.84 0.22 -1.33
C CYS A 23 -4.27 -0.07 -1.77
N SER A 24 -4.74 -1.28 -1.48
CA SER A 24 -6.08 -1.70 -1.85
C SER A 24 -7.00 -1.70 -0.63
N LYS A 25 -8.31 -1.65 -0.89
CA LYS A 25 -9.30 -1.66 0.18
C LYS A 25 -9.63 -3.08 0.62
N LEU A 26 -8.85 -4.06 0.14
CA LEU A 26 -9.07 -5.45 0.49
C LEU A 26 -9.19 -5.62 2.00
N PHE A 27 -8.32 -4.93 2.74
CA PHE A 27 -8.34 -5.00 4.19
C PHE A 27 -7.79 -3.72 4.82
N LYS A 28 -7.78 -2.63 4.05
CA LYS A 28 -7.30 -1.32 4.53
C LYS A 28 -5.79 -1.21 4.53
N LEU A 29 -5.10 -2.06 3.77
CA LEU A 29 -3.64 -2.01 3.73
C LEU A 29 -3.11 -2.29 2.34
N CYS A 30 -1.79 -2.23 2.20
CA CYS A 30 -1.12 -2.48 0.93
C CYS A 30 -0.90 -3.97 0.72
N ASN A 31 -0.50 -4.35 -0.49
CA ASN A 31 -0.25 -5.76 -0.81
C ASN A 31 1.02 -5.91 -1.64
N PHE A 32 1.95 -6.72 -1.14
CA PHE A 32 3.21 -6.96 -1.84
C PHE A 32 2.95 -7.59 -3.21
N SER A 33 4.01 -8.15 -3.81
CA SER A 33 3.89 -8.77 -5.12
C SER A 33 2.90 -9.92 -5.08
N PHE A 34 2.89 -10.67 -3.98
CA PHE A 34 1.99 -11.80 -3.81
C PHE A 34 1.14 -11.64 -2.56
N GLY A 1 11.14 4.73 -0.14
CA GLY A 1 9.83 5.38 -0.45
C GLY A 1 9.27 6.15 0.73
N CYS A 2 7.95 6.12 0.90
CA CYS A 2 7.30 6.82 2.00
C CYS A 2 6.75 5.84 3.02
N LEU A 3 5.99 4.85 2.57
CA LEU A 3 5.43 3.84 3.46
C LEU A 3 5.59 2.46 2.88
N GLU A 4 6.18 1.58 3.69
CA GLU A 4 6.44 0.22 3.25
C GLU A 4 5.20 -0.66 3.34
N PHE A 5 5.36 -1.92 2.94
CA PHE A 5 4.29 -2.90 2.96
C PHE A 5 3.61 -2.95 4.33
N TRP A 6 2.44 -3.59 4.38
CA TRP A 6 1.69 -3.73 5.62
C TRP A 6 1.02 -2.42 6.01
N TRP A 7 1.84 -1.38 6.24
CA TRP A 7 1.34 -0.07 6.64
C TRP A 7 0.09 0.32 5.83
N LYS A 8 -0.99 0.60 6.55
CA LYS A 8 -2.27 0.97 5.93
C LYS A 8 -2.08 1.94 4.78
N CYS A 9 -3.03 1.96 3.84
CA CYS A 9 -2.97 2.85 2.70
C CYS A 9 -4.28 3.61 2.53
N ASN A 10 -4.19 4.84 2.01
CA ASN A 10 -5.36 5.67 1.79
C ASN A 10 -5.24 6.48 0.50
N PRO A 11 -6.19 6.33 -0.42
CA PRO A 11 -6.18 7.05 -1.70
C PRO A 11 -5.82 8.53 -1.54
N ASN A 12 -5.58 9.18 -2.66
CA ASN A 12 -5.24 10.60 -2.67
C ASN A 12 -3.86 10.82 -2.06
N ASP A 13 -3.76 10.61 -0.75
CA ASP A 13 -2.50 10.79 -0.04
C ASP A 13 -1.41 9.87 -0.61
N ASP A 14 -1.83 8.71 -1.11
CA ASP A 14 -0.89 7.74 -1.68
C ASP A 14 0.13 7.30 -0.64
N LYS A 15 -0.28 6.42 0.26
CA LYS A 15 0.62 5.92 1.31
C LYS A 15 1.64 4.96 0.72
N CYS A 16 1.18 3.99 -0.05
CA CYS A 16 2.06 3.02 -0.67
C CYS A 16 2.96 3.69 -1.69
N CYS A 17 4.24 3.35 -1.66
CA CYS A 17 5.20 3.96 -2.58
C CYS A 17 6.20 2.91 -3.09
N ARG A 18 5.67 1.79 -3.55
CA ARG A 18 6.51 0.70 -4.07
C ARG A 18 5.86 0.08 -5.31
N PRO A 19 6.69 -0.40 -6.25
CA PRO A 19 6.20 -1.02 -7.48
C PRO A 19 5.60 -2.39 -7.27
N LYS A 20 5.72 -2.89 -6.05
CA LYS A 20 5.19 -4.21 -5.76
C LYS A 20 3.98 -4.14 -4.81
N LEU A 21 3.78 -2.99 -4.16
CA LEU A 21 2.65 -2.84 -3.25
C LEU A 21 1.42 -2.34 -4.00
N LYS A 22 0.24 -2.59 -3.42
CA LYS A 22 -1.01 -2.16 -4.03
C LYS A 22 -2.03 -1.79 -2.96
N CYS A 23 -2.75 -0.70 -3.17
CA CYS A 23 -3.75 -0.24 -2.21
C CYS A 23 -4.94 -1.20 -2.20
N SER A 24 -4.71 -2.41 -1.71
CA SER A 24 -5.75 -3.43 -1.63
C SER A 24 -6.70 -3.16 -0.48
N LYS A 25 -8.01 -3.19 -0.77
CA LYS A 25 -9.02 -2.96 0.24
C LYS A 25 -9.37 -4.25 0.98
N LEU A 26 -8.66 -5.34 0.67
CA LEU A 26 -8.90 -6.62 1.30
C LEU A 26 -8.72 -6.53 2.82
N PHE A 27 -7.99 -5.51 3.26
CA PHE A 27 -7.75 -5.31 4.69
C PHE A 27 -7.31 -3.88 5.00
N LYS A 28 -7.61 -2.95 4.09
CA LYS A 28 -7.26 -1.54 4.28
C LYS A 28 -5.75 -1.33 4.36
N LEU A 29 -4.98 -2.29 3.87
CA LEU A 29 -3.53 -2.19 3.90
C LEU A 29 -2.92 -2.52 2.55
N CYS A 30 -1.60 -2.38 2.44
CA CYS A 30 -0.89 -2.66 1.21
C CYS A 30 -0.19 -4.01 1.26
N ASN A 31 -0.26 -4.75 0.15
CA ASN A 31 0.37 -6.06 0.08
C ASN A 31 1.30 -6.15 -1.13
N PHE A 32 2.33 -6.99 -1.02
CA PHE A 32 3.29 -7.16 -2.10
C PHE A 32 2.60 -7.60 -3.39
N SER A 33 3.39 -7.88 -4.42
CA SER A 33 2.84 -8.30 -5.71
C SER A 33 2.18 -9.67 -5.59
N PHE A 34 2.78 -10.55 -4.80
CA PHE A 34 2.24 -11.90 -4.61
C PHE A 34 2.25 -12.28 -3.13
N GLY A 1 11.65 5.66 2.10
CA GLY A 1 10.73 6.01 0.98
C GLY A 1 9.53 6.81 1.44
N CYS A 2 8.34 6.40 1.00
CA CYS A 2 7.11 7.08 1.38
C CYS A 2 6.28 6.22 2.32
N LEU A 3 6.05 4.96 1.92
CA LEU A 3 5.28 4.03 2.74
C LEU A 3 5.63 2.60 2.36
N GLU A 4 5.96 1.81 3.37
CA GLU A 4 6.33 0.43 3.16
C GLU A 4 5.13 -0.51 3.26
N PHE A 5 5.30 -1.73 2.78
CA PHE A 5 4.24 -2.73 2.82
C PHE A 5 3.63 -2.83 4.21
N TRP A 6 2.54 -3.60 4.32
CA TRP A 6 1.85 -3.77 5.59
C TRP A 6 1.15 -2.49 6.03
N TRP A 7 1.95 -1.44 6.28
CA TRP A 7 1.42 -0.16 6.71
C TRP A 7 0.16 0.22 5.94
N LYS A 8 -0.85 0.67 6.68
CA LYS A 8 -2.13 1.05 6.08
C LYS A 8 -1.94 1.91 4.83
N CYS A 9 -3.02 2.10 4.09
CA CYS A 9 -2.99 2.89 2.87
C CYS A 9 -4.40 3.18 2.37
N ASN A 10 -4.77 4.45 2.34
CA ASN A 10 -6.09 4.86 1.88
C ASN A 10 -6.03 5.43 0.47
N PRO A 11 -7.09 5.24 -0.33
CA PRO A 11 -7.13 5.74 -1.71
C PRO A 11 -6.77 7.22 -1.82
N ASN A 12 -6.94 7.95 -0.72
CA ASN A 12 -6.63 9.38 -0.69
C ASN A 12 -5.23 9.64 -0.12
N ASP A 13 -4.94 9.02 1.01
CA ASP A 13 -3.65 9.19 1.67
C ASP A 13 -2.62 8.17 1.15
N ASP A 14 -2.97 7.46 0.08
CA ASP A 14 -2.08 6.46 -0.50
C ASP A 14 -0.69 7.04 -0.75
N LYS A 15 0.31 6.40 -0.19
CA LYS A 15 1.69 6.84 -0.36
C LYS A 15 2.62 5.66 -0.64
N CYS A 16 2.08 4.63 -1.27
CA CYS A 16 2.86 3.45 -1.60
C CYS A 16 3.85 3.78 -2.72
N CYS A 17 4.99 3.10 -2.72
CA CYS A 17 6.01 3.35 -3.73
C CYS A 17 6.85 2.10 -3.99
N ARG A 18 6.20 1.05 -4.47
CA ARG A 18 6.88 -0.20 -4.76
C ARG A 18 6.15 -0.97 -5.86
N PRO A 19 6.89 -1.60 -6.79
CA PRO A 19 6.31 -2.36 -7.89
C PRO A 19 5.54 -3.58 -7.43
N LYS A 20 5.68 -3.93 -6.17
CA LYS A 20 5.01 -5.09 -5.65
C LYS A 20 3.90 -4.72 -4.65
N LEU A 21 3.91 -3.49 -4.16
CA LEU A 21 2.89 -3.05 -3.20
C LEU A 21 1.64 -2.54 -3.91
N LYS A 22 0.52 -2.60 -3.21
CA LYS A 22 -0.75 -2.14 -3.77
C LYS A 22 -1.69 -1.68 -2.65
N CYS A 23 -2.34 -0.54 -2.88
CA CYS A 23 -3.27 0.02 -1.90
C CYS A 23 -4.62 -0.69 -1.96
N SER A 24 -4.63 -1.96 -1.59
CA SER A 24 -5.86 -2.75 -1.61
C SER A 24 -6.91 -2.12 -0.70
N LYS A 25 -8.11 -1.93 -1.24
CA LYS A 25 -9.21 -1.34 -0.48
C LYS A 25 -9.73 -2.30 0.57
N LEU A 26 -10.03 -3.53 0.16
CA LEU A 26 -10.53 -4.55 1.07
C LEU A 26 -9.56 -4.78 2.22
N PHE A 27 -8.28 -4.54 1.96
CA PHE A 27 -7.24 -4.71 2.96
C PHE A 27 -6.95 -3.40 3.67
N LYS A 28 -7.04 -2.30 2.92
CA LYS A 28 -6.79 -0.96 3.46
C LYS A 28 -5.31 -0.75 3.74
N LEU A 29 -4.47 -1.69 3.30
CA LEU A 29 -3.04 -1.61 3.53
C LEU A 29 -2.27 -1.74 2.22
N CYS A 30 -0.95 -1.81 2.33
CA CYS A 30 -0.10 -1.94 1.14
C CYS A 30 0.53 -3.34 1.06
N ASN A 31 -0.31 -4.34 0.85
CA ASN A 31 0.15 -5.72 0.77
C ASN A 31 1.11 -5.91 -0.40
N PHE A 32 1.99 -6.90 -0.30
CA PHE A 32 2.95 -7.19 -1.35
C PHE A 32 2.24 -7.57 -2.64
N SER A 33 3.00 -8.04 -3.62
CA SER A 33 2.45 -8.44 -4.91
C SER A 33 2.39 -9.96 -5.03
N PHE A 34 3.52 -10.61 -4.75
CA PHE A 34 3.60 -12.06 -4.82
C PHE A 34 3.66 -12.68 -3.44
N GLY A 1 9.92 4.90 0.40
CA GLY A 1 9.73 6.38 0.33
C GLY A 1 8.49 6.84 1.07
N CYS A 2 7.38 6.17 0.82
CA CYS A 2 6.12 6.52 1.48
C CYS A 2 5.70 5.44 2.47
N LEU A 3 5.66 4.19 2.02
CA LEU A 3 5.27 3.09 2.90
C LEU A 3 5.74 1.76 2.36
N GLU A 4 5.73 0.76 3.23
CA GLU A 4 6.18 -0.57 2.87
C GLU A 4 5.01 -1.56 2.86
N PHE A 5 5.35 -2.84 2.85
CA PHE A 5 4.34 -3.90 2.85
C PHE A 5 3.45 -3.84 4.09
N TRP A 6 2.14 -3.98 3.88
CA TRP A 6 1.17 -3.96 4.97
C TRP A 6 0.87 -2.55 5.47
N TRP A 7 1.92 -1.76 5.70
CA TRP A 7 1.74 -0.38 6.19
C TRP A 7 0.56 0.30 5.51
N LYS A 8 -0.59 0.32 6.21
CA LYS A 8 -1.81 0.93 5.70
C LYS A 8 -1.54 2.28 5.04
N CYS A 9 -2.44 2.68 4.15
CA CYS A 9 -2.31 3.96 3.45
C CYS A 9 -3.53 4.84 3.69
N ASN A 10 -3.62 5.93 2.93
CA ASN A 10 -4.74 6.85 3.05
C ASN A 10 -5.26 7.25 1.67
N PRO A 11 -6.46 6.78 1.29
CA PRO A 11 -7.05 7.09 -0.02
C PRO A 11 -7.18 8.60 -0.24
N ASN A 12 -6.10 9.22 -0.73
CA ASN A 12 -6.08 10.65 -0.98
C ASN A 12 -4.69 11.08 -1.44
N ASP A 13 -3.67 10.61 -0.74
CA ASP A 13 -2.29 10.93 -1.07
C ASP A 13 -1.55 9.73 -1.64
N ASP A 14 -2.05 8.54 -1.33
CA ASP A 14 -1.44 7.30 -1.81
C ASP A 14 -0.08 7.06 -1.14
N LYS A 15 -0.02 6.06 -0.28
CA LYS A 15 1.20 5.72 0.43
C LYS A 15 1.87 4.48 -0.18
N CYS A 16 1.04 3.59 -0.72
CA CYS A 16 1.54 2.38 -1.36
C CYS A 16 2.12 2.74 -2.72
N CYS A 17 3.30 3.32 -2.71
CA CYS A 17 3.95 3.76 -3.94
C CYS A 17 5.08 2.81 -4.34
N ARG A 18 5.42 1.86 -3.47
CA ARG A 18 6.47 0.90 -3.78
C ARG A 18 6.15 0.12 -5.04
N PRO A 19 7.16 -0.17 -5.87
CA PRO A 19 6.96 -0.92 -7.12
C PRO A 19 6.05 -2.11 -6.98
N LYS A 20 6.12 -2.76 -5.83
CA LYS A 20 5.31 -3.94 -5.61
C LYS A 20 4.22 -3.72 -4.56
N LEU A 21 4.05 -2.47 -4.10
CA LEU A 21 3.02 -2.17 -3.11
C LEU A 21 1.71 -1.78 -3.78
N LYS A 22 0.62 -1.80 -3.01
CA LYS A 22 -0.69 -1.45 -3.54
C LYS A 22 -1.75 -1.53 -2.45
N CYS A 23 -2.47 -0.43 -2.23
CA CYS A 23 -3.52 -0.38 -1.22
C CYS A 23 -4.77 -1.12 -1.71
N SER A 24 -4.79 -2.43 -1.50
CA SER A 24 -5.92 -3.25 -1.92
C SER A 24 -7.15 -2.98 -1.05
N LYS A 25 -8.28 -3.52 -1.46
CA LYS A 25 -9.54 -3.34 -0.73
C LYS A 25 -9.72 -4.42 0.33
N LEU A 26 -8.85 -5.44 0.32
CA LEU A 26 -8.93 -6.54 1.28
C LEU A 26 -9.04 -6.00 2.69
N PHE A 27 -8.14 -5.07 3.04
CA PHE A 27 -8.14 -4.47 4.38
C PHE A 27 -7.76 -2.99 4.32
N LYS A 28 -7.60 -2.45 3.12
CA LYS A 28 -7.23 -1.05 2.94
C LYS A 28 -5.79 -0.81 3.36
N LEU A 29 -4.89 -1.69 2.90
CA LEU A 29 -3.47 -1.58 3.23
C LEU A 29 -2.61 -1.97 2.03
N CYS A 30 -1.33 -1.63 2.09
CA CYS A 30 -0.40 -1.95 1.00
C CYS A 30 -0.10 -3.45 0.97
N ASN A 31 -0.35 -4.08 -0.18
CA ASN A 31 -0.10 -5.50 -0.33
C ASN A 31 1.22 -5.75 -1.06
N PHE A 32 1.63 -7.02 -1.12
CA PHE A 32 2.87 -7.39 -1.78
C PHE A 32 2.61 -8.42 -2.87
N SER A 33 3.62 -8.71 -3.67
CA SER A 33 3.50 -9.68 -4.76
C SER A 33 3.65 -11.10 -4.25
N PHE A 34 4.38 -11.27 -3.14
CA PHE A 34 4.59 -12.58 -2.56
C PHE A 34 3.26 -13.28 -2.25
N GLY A 1 11.77 3.57 -1.49
CA GLY A 1 10.35 3.61 -1.08
C GLY A 1 10.14 4.35 0.23
N CYS A 2 8.91 4.81 0.45
CA CYS A 2 8.58 5.54 1.67
C CYS A 2 7.67 4.71 2.57
N LEU A 3 6.57 4.21 2.02
CA LEU A 3 5.64 3.40 2.79
C LEU A 3 5.74 1.94 2.41
N GLU A 4 6.03 1.13 3.41
CA GLU A 4 6.18 -0.30 3.20
C GLU A 4 4.87 -1.05 3.36
N PHE A 5 4.91 -2.35 3.10
CA PHE A 5 3.74 -3.21 3.22
C PHE A 5 3.07 -3.06 4.58
N TRP A 6 1.82 -3.53 4.67
CA TRP A 6 1.05 -3.47 5.91
C TRP A 6 0.56 -2.04 6.19
N TRP A 7 1.49 -1.11 6.33
CA TRP A 7 1.15 0.29 6.61
C TRP A 7 -0.10 0.72 5.86
N LYS A 8 -1.22 0.80 6.59
CA LYS A 8 -2.50 1.20 6.01
C LYS A 8 -2.38 2.49 5.21
N CYS A 9 -3.40 2.75 4.38
CA CYS A 9 -3.42 3.95 3.56
C CYS A 9 -4.79 4.13 2.92
N ASN A 10 -5.09 5.35 2.48
CA ASN A 10 -6.37 5.65 1.86
C ASN A 10 -6.23 5.75 0.34
N PRO A 11 -7.32 5.50 -0.40
CA PRO A 11 -7.31 5.58 -1.87
C PRO A 11 -6.73 6.89 -2.38
N ASN A 12 -6.92 7.96 -1.61
CA ASN A 12 -6.42 9.27 -1.98
C ASN A 12 -5.14 9.60 -1.22
N ASP A 13 -5.04 9.08 0.00
CA ASP A 13 -3.86 9.31 0.83
C ASP A 13 -2.79 8.24 0.62
N ASP A 14 -2.99 7.42 -0.41
CA ASP A 14 -2.04 6.34 -0.73
C ASP A 14 -0.61 6.88 -0.74
N LYS A 15 0.17 6.48 0.27
CA LYS A 15 1.55 6.93 0.37
C LYS A 15 2.53 5.79 0.03
N CYS A 16 2.01 4.74 -0.60
CA CYS A 16 2.84 3.61 -1.00
C CYS A 16 3.79 4.04 -2.10
N CYS A 17 5.07 3.66 -1.98
CA CYS A 17 6.07 4.03 -2.97
C CYS A 17 6.92 2.84 -3.40
N ARG A 18 6.29 1.85 -4.03
CA ARG A 18 7.00 0.68 -4.49
C ARG A 18 6.24 -0.01 -5.62
N PRO A 19 6.95 -0.49 -6.65
CA PRO A 19 6.33 -1.18 -7.79
C PRO A 19 5.76 -2.52 -7.42
N LYS A 20 5.98 -2.92 -6.18
CA LYS A 20 5.49 -4.20 -5.72
C LYS A 20 4.36 -4.04 -4.70
N LEU A 21 4.23 -2.85 -4.12
CA LEU A 21 3.18 -2.60 -3.13
C LEU A 21 2.00 -1.85 -3.77
N LYS A 22 0.91 -1.75 -3.03
CA LYS A 22 -0.28 -1.07 -3.50
C LYS A 22 -1.37 -1.06 -2.44
N CYS A 23 -2.02 0.10 -2.26
CA CYS A 23 -3.07 0.23 -1.27
C CYS A 23 -4.30 -0.58 -1.66
N SER A 24 -4.18 -1.90 -1.57
CA SER A 24 -5.29 -2.79 -1.92
C SER A 24 -6.49 -2.56 -1.02
N LYS A 25 -7.66 -3.00 -1.47
CA LYS A 25 -8.89 -2.84 -0.70
C LYS A 25 -9.21 -4.10 0.10
N LEU A 26 -8.28 -5.04 0.14
CA LEU A 26 -8.48 -6.29 0.86
C LEU A 26 -8.75 -6.02 2.34
N PHE A 27 -7.88 -5.21 2.95
CA PHE A 27 -8.03 -4.87 4.36
C PHE A 27 -7.55 -3.45 4.65
N LYS A 28 -7.43 -2.64 3.59
CA LYS A 28 -7.00 -1.26 3.73
C LYS A 28 -5.51 -1.17 4.08
N LEU A 29 -4.69 -1.96 3.40
CA LEU A 29 -3.26 -1.97 3.65
C LEU A 29 -2.49 -2.15 2.34
N CYS A 30 -1.19 -1.90 2.39
CA CYS A 30 -0.33 -2.03 1.21
C CYS A 30 0.19 -3.46 1.07
N ASN A 31 -0.43 -4.22 0.16
CA ASN A 31 -0.03 -5.61 -0.07
C ASN A 31 1.09 -5.70 -1.10
N PHE A 32 2.07 -6.56 -0.84
CA PHE A 32 3.19 -6.74 -1.75
C PHE A 32 2.70 -7.20 -3.12
N SER A 33 3.64 -7.59 -3.98
CA SER A 33 3.31 -8.05 -5.32
C SER A 33 2.39 -9.26 -5.28
N PHE A 34 2.54 -10.07 -4.22
CA PHE A 34 1.71 -11.26 -4.06
C PHE A 34 0.31 -10.89 -3.59
N GLY A 1 11.15 4.89 0.93
CA GLY A 1 9.87 5.35 0.32
C GLY A 1 9.01 6.11 1.30
N CYS A 2 7.70 5.84 1.25
CA CYS A 2 6.75 6.51 2.15
C CYS A 2 6.20 5.53 3.18
N LEU A 3 5.73 4.38 2.70
CA LEU A 3 5.18 3.36 3.59
C LEU A 3 5.46 1.97 3.05
N GLU A 4 6.07 1.15 3.90
CA GLU A 4 6.42 -0.20 3.52
C GLU A 4 5.21 -1.14 3.54
N PHE A 5 5.49 -2.43 3.35
CA PHE A 5 4.45 -3.46 3.33
C PHE A 5 3.52 -3.36 4.54
N TRP A 6 2.25 -3.69 4.31
CA TRP A 6 1.24 -3.67 5.37
C TRP A 6 0.86 -2.25 5.79
N TRP A 7 1.86 -1.46 6.20
CA TRP A 7 1.62 -0.09 6.66
C TRP A 7 0.49 0.58 5.87
N LYS A 8 -0.69 0.62 6.49
CA LYS A 8 -1.88 1.22 5.87
C LYS A 8 -1.57 2.50 5.12
N CYS A 9 -2.47 2.87 4.21
CA CYS A 9 -2.30 4.08 3.41
C CYS A 9 -3.64 4.77 3.18
N ASN A 10 -3.65 5.76 2.30
CA ASN A 10 -4.87 6.50 1.98
C ASN A 10 -5.33 6.17 0.56
N PRO A 11 -6.59 5.75 0.38
CA PRO A 11 -7.13 5.41 -0.94
C PRO A 11 -7.11 6.60 -1.89
N ASN A 12 -6.95 7.80 -1.35
CA ASN A 12 -6.91 9.01 -2.16
C ASN A 12 -5.67 9.04 -3.05
N ASP A 13 -4.50 9.21 -2.44
CA ASP A 13 -3.26 9.27 -3.19
C ASP A 13 -2.44 7.98 -3.02
N ASP A 14 -2.76 7.21 -1.98
CA ASP A 14 -2.06 5.96 -1.72
C ASP A 14 -0.64 6.22 -1.22
N LYS A 15 -0.07 5.26 -0.51
CA LYS A 15 1.28 5.40 0.02
C LYS A 15 2.14 4.17 -0.32
N CYS A 16 1.80 3.51 -1.41
CA CYS A 16 2.55 2.32 -1.85
C CYS A 16 3.72 2.74 -2.72
N CYS A 17 4.72 3.36 -2.10
CA CYS A 17 5.90 3.83 -2.81
C CYS A 17 6.67 2.68 -3.45
N ARG A 18 6.53 1.48 -2.89
CA ARG A 18 7.22 0.31 -3.41
C ARG A 18 6.60 -0.15 -4.73
N PRO A 19 7.44 -0.52 -5.72
CA PRO A 19 6.96 -0.99 -7.03
C PRO A 19 6.04 -2.17 -6.92
N LYS A 20 6.07 -2.85 -5.78
CA LYS A 20 5.24 -4.01 -5.61
C LYS A 20 4.13 -3.78 -4.58
N LEU A 21 4.21 -2.66 -3.85
CA LEU A 21 3.20 -2.35 -2.84
C LEU A 21 1.86 -2.04 -3.50
N LYS A 22 0.78 -2.26 -2.75
CA LYS A 22 -0.57 -2.00 -3.26
C LYS A 22 -1.57 -1.99 -2.12
N CYS A 23 -2.26 -0.86 -1.96
CA CYS A 23 -3.26 -0.71 -0.91
C CYS A 23 -4.54 -1.47 -1.24
N SER A 24 -4.54 -2.76 -0.93
CA SER A 24 -5.70 -3.61 -1.19
C SER A 24 -6.95 -3.06 -0.51
N LYS A 25 -8.10 -3.63 -0.84
CA LYS A 25 -9.37 -3.20 -0.26
C LYS A 25 -9.80 -4.11 0.88
N LEU A 26 -9.17 -5.29 0.98
CA LEU A 26 -9.51 -6.24 2.03
C LEU A 26 -9.37 -5.61 3.42
N PHE A 27 -8.39 -4.71 3.56
CA PHE A 27 -8.17 -4.04 4.84
C PHE A 27 -7.49 -2.68 4.67
N LYS A 28 -7.28 -2.25 3.42
CA LYS A 28 -6.65 -0.96 3.15
C LYS A 28 -5.22 -0.91 3.67
N LEU A 29 -4.34 -1.69 3.05
CA LEU A 29 -2.93 -1.72 3.46
C LEU A 29 -2.02 -1.99 2.26
N CYS A 30 -0.87 -1.32 2.24
CA CYS A 30 0.08 -1.48 1.16
C CYS A 30 0.73 -2.86 1.19
N ASN A 31 0.16 -3.80 0.43
CA ASN A 31 0.68 -5.16 0.39
C ASN A 31 1.30 -5.46 -0.97
N PHE A 32 1.76 -6.69 -1.16
CA PHE A 32 2.37 -7.09 -2.43
C PHE A 32 1.33 -7.71 -3.36
N SER A 33 1.20 -7.14 -4.55
CA SER A 33 0.24 -7.65 -5.53
C SER A 33 0.94 -8.40 -6.66
N PHE A 34 2.24 -8.67 -6.47
CA PHE A 34 3.00 -9.39 -7.48
C PHE A 34 2.44 -10.79 -7.70
#